data_3WC1
#
_entry.id   3WC1
#
_cell.length_a   96.530
_cell.length_b   96.530
_cell.length_c   300.390
_cell.angle_alpha   90.000
_cell.angle_beta   90.000
_cell.angle_gamma   120.000
#
_symmetry.space_group_name_H-M   'P 31 2 1'
#
loop_
_entity.id
_entity.type
_entity.pdbx_description
1 polymer 'Likely histidyl tRNA-specific guanylyltransferase'
2 polymer '75-mer tRNA'
#
loop_
_entity_poly.entity_id
_entity_poly.type
_entity_poly.pdbx_seq_one_letter_code
_entity_poly.pdbx_strand_id
1 'polypeptide(L)'
;GGSMANSKYEYVKLFEKENYLLPDTYIIIRVDGKGFHKFSQFYEFEKPNDLKALQVMNSAAEKLMSKYSDVMLAYGDSDE
YSFLLRKNCQLYERREMKLTTLFSSLMSTYYMYFWSQYFPDKPLHIDHLPNFDARAVLYPDFKHIRNYFSWRQVDCHINN
LYNTTFWNLVLKLKMTPQQAEQRLMGTVASDKNEILFKECGVNYNNESEMYKKGTIIVREFENYETEDEAELSKRQVQRL
EKKRKKAELKIYHVDIINDDSWWKSRPWLKD
;
A,B,C,D
2 'polyribonucleotide' GCCAUCAUAGUAUAGUGGUCAUUAUAAAUCGUUGUGGCCGAUUAGACCCAAGUUCGAUUCUUGGUGAUGGCACCA P,Q
#
loop_
_chem_comp.id
_chem_comp.type
_chem_comp.name
_chem_comp.formula
A RNA linking ADENOSINE-5'-MONOPHOSPHATE 'C10 H14 N5 O7 P'
C RNA linking CYTIDINE-5'-MONOPHOSPHATE 'C9 H14 N3 O8 P'
G RNA linking GUANOSINE-5'-MONOPHOSPHATE 'C10 H14 N5 O8 P'
U RNA linking URIDINE-5'-MONOPHOSPHATE 'C9 H13 N2 O9 P'
#
# COMPACT_ATOMS: atom_id res chain seq x y z
N SER A 7 12.28 -23.93 11.18
CA SER A 7 13.50 -23.66 10.43
C SER A 7 14.04 -22.29 10.80
N LYS A 8 15.35 -22.14 10.76
CA LYS A 8 15.96 -20.87 11.12
C LYS A 8 15.94 -19.92 9.92
N TYR A 9 15.64 -20.45 8.75
CA TYR A 9 15.60 -19.62 7.55
C TYR A 9 14.18 -19.18 7.11
N GLU A 10 13.14 -19.76 7.68
CA GLU A 10 11.78 -19.44 7.25
C GLU A 10 11.31 -18.04 7.64
N TYR A 11 11.99 -17.42 8.61
CA TYR A 11 11.58 -16.12 9.12
C TYR A 11 11.51 -15.06 8.01
N VAL A 12 12.28 -15.25 6.96
CA VAL A 12 12.31 -14.31 5.84
C VAL A 12 10.92 -14.14 5.21
N LYS A 13 10.08 -15.16 5.35
CA LYS A 13 8.72 -15.15 4.80
C LYS A 13 7.90 -14.01 5.40
N LEU A 14 8.32 -13.54 6.56
CA LEU A 14 7.63 -12.45 7.26
C LEU A 14 7.81 -11.09 6.58
N PHE A 15 8.72 -11.01 5.61
CA PHE A 15 8.96 -9.76 4.90
C PHE A 15 7.99 -9.52 3.74
N GLU A 16 7.23 -10.56 3.38
CA GLU A 16 6.27 -10.45 2.28
C GLU A 16 5.06 -9.60 2.67
N LYS A 17 4.59 -8.80 1.72
CA LYS A 17 3.42 -7.94 1.93
C LYS A 17 2.32 -8.26 0.92
N GLU A 18 1.20 -8.75 1.42
CA GLU A 18 0.06 -9.04 0.54
C GLU A 18 -0.88 -7.86 0.46
N ASN A 19 -1.48 -7.66 -0.72
CA ASN A 19 -2.48 -6.63 -0.91
C ASN A 19 -3.82 -7.23 -1.26
N TYR A 20 -4.76 -7.18 -0.32
CA TYR A 20 -6.10 -7.68 -0.55
C TYR A 20 -7.00 -6.55 -1.04
N LEU A 21 -7.49 -6.68 -2.27
CA LEU A 21 -8.30 -5.63 -2.88
C LEU A 21 -9.61 -5.45 -2.12
N LEU A 22 -10.00 -4.19 -1.92
CA LEU A 22 -11.22 -3.83 -1.19
C LEU A 22 -12.44 -4.60 -1.66
N PRO A 23 -13.16 -5.22 -0.72
CA PRO A 23 -14.34 -6.05 -1.01
C PRO A 23 -15.48 -5.26 -1.65
N ASP A 24 -16.36 -5.99 -2.35
CA ASP A 24 -17.55 -5.43 -2.98
C ASP A 24 -17.21 -4.27 -3.92
N THR A 25 -16.08 -4.39 -4.61
CA THR A 25 -15.66 -3.36 -5.56
C THR A 25 -15.37 -3.98 -6.91
N TYR A 26 -15.75 -3.29 -7.98
CA TYR A 26 -15.47 -3.76 -9.32
C TYR A 26 -13.97 -3.72 -9.58
N ILE A 27 -13.45 -4.80 -10.16
CA ILE A 27 -12.03 -4.87 -10.48
C ILE A 27 -11.81 -4.88 -11.98
N ILE A 28 -11.00 -3.96 -12.48
CA ILE A 28 -10.61 -4.00 -13.87
C ILE A 28 -9.14 -4.35 -13.97
N ILE A 29 -8.82 -5.42 -14.69
CA ILE A 29 -7.43 -5.78 -14.95
C ILE A 29 -7.09 -5.50 -16.40
N ARG A 30 -6.14 -4.59 -16.61
CA ARG A 30 -5.73 -4.27 -17.96
C ARG A 30 -4.37 -4.85 -18.27
N VAL A 31 -4.32 -5.64 -19.33
CA VAL A 31 -3.07 -6.19 -19.81
C VAL A 31 -2.65 -5.48 -21.08
N ASP A 32 -1.35 -5.24 -21.19
CA ASP A 32 -0.84 -4.51 -22.34
C ASP A 32 0.50 -5.08 -22.82
N GLY A 33 0.57 -5.38 -24.11
CA GLY A 33 1.77 -5.92 -24.72
C GLY A 33 3.01 -5.09 -24.53
N LYS A 34 4.10 -5.73 -24.11
CA LYS A 34 5.36 -5.03 -23.88
C LYS A 34 6.12 -4.83 -25.18
N GLY A 35 6.37 -3.56 -25.52
CA GLY A 35 7.12 -3.20 -26.71
C GLY A 35 6.57 -3.76 -28.01
N PHE A 36 5.25 -3.70 -28.17
CA PHE A 36 4.61 -4.28 -29.35
C PHE A 36 4.77 -3.48 -30.64
N HIS A 37 5.32 -2.27 -30.57
CA HIS A 37 5.67 -1.56 -31.79
C HIS A 37 6.80 -2.30 -32.49
N LYS A 38 7.87 -2.58 -31.72
CA LYS A 38 9.02 -3.32 -32.21
C LYS A 38 8.62 -4.75 -32.58
N PHE A 39 7.68 -5.29 -31.81
CA PHE A 39 7.12 -6.63 -32.07
C PHE A 39 6.43 -6.65 -33.42
N SER A 40 5.61 -5.63 -33.69
CA SER A 40 4.89 -5.52 -34.96
C SER A 40 5.83 -5.28 -36.13
N GLN A 41 6.94 -4.59 -35.87
CA GLN A 41 7.93 -4.35 -36.91
C GLN A 41 8.70 -5.61 -37.27
N PHE A 42 9.16 -6.33 -36.24
CA PHE A 42 9.93 -7.56 -36.42
C PHE A 42 9.20 -8.63 -37.22
N TYR A 43 7.92 -8.82 -36.92
CA TYR A 43 7.14 -9.86 -37.56
C TYR A 43 6.38 -9.34 -38.78
N GLU A 44 6.68 -8.11 -39.16
CA GLU A 44 6.12 -7.49 -40.37
C GLU A 44 4.59 -7.47 -40.40
N PHE A 45 3.98 -6.91 -39.36
CA PHE A 45 2.53 -6.77 -39.29
C PHE A 45 1.98 -5.93 -40.43
N GLU A 46 0.78 -6.24 -40.88
CA GLU A 46 0.10 -5.38 -41.84
C GLU A 46 -0.27 -4.06 -41.18
N LYS A 47 -0.12 -2.98 -41.92
CA LYS A 47 -0.38 -1.67 -41.34
C LYS A 47 -1.39 -0.91 -42.20
N PRO A 48 -2.24 -0.09 -41.57
CA PRO A 48 -2.31 0.26 -40.14
C PRO A 48 -2.78 -0.88 -39.22
N ASN A 49 -3.62 -1.76 -39.73
CA ASN A 49 -4.17 -2.83 -38.89
C ASN A 49 -3.93 -4.24 -39.46
N ASP A 50 -3.39 -5.12 -38.62
CA ASP A 50 -3.20 -6.52 -39.00
C ASP A 50 -4.34 -7.37 -38.42
N LEU A 51 -5.19 -7.91 -39.29
CA LEU A 51 -6.36 -8.69 -38.90
C LEU A 51 -6.07 -9.91 -38.04
N LYS A 52 -5.19 -10.78 -38.56
CA LYS A 52 -4.88 -12.05 -37.93
C LYS A 52 -4.27 -11.92 -36.54
N ALA A 53 -3.43 -10.91 -36.36
CA ALA A 53 -2.85 -10.65 -35.05
C ALA A 53 -3.93 -10.28 -34.04
N LEU A 54 -4.88 -9.47 -34.49
CA LEU A 54 -5.98 -9.04 -33.64
C LEU A 54 -6.88 -10.23 -33.34
N GLN A 55 -6.91 -11.17 -34.27
CA GLN A 55 -7.67 -12.40 -34.08
C GLN A 55 -6.97 -13.29 -33.05
N VAL A 56 -5.64 -13.23 -33.01
CA VAL A 56 -4.87 -13.94 -32.00
C VAL A 56 -5.19 -13.34 -30.63
N MET A 57 -5.18 -12.02 -30.56
CA MET A 57 -5.51 -11.30 -29.34
C MET A 57 -6.89 -11.69 -28.83
N ASN A 58 -7.87 -11.63 -29.73
CA ASN A 58 -9.25 -11.96 -29.40
C ASN A 58 -9.43 -13.41 -28.98
N SER A 59 -8.71 -14.31 -29.64
CA SER A 59 -8.77 -15.73 -29.32
C SER A 59 -8.23 -15.98 -27.91
N ALA A 60 -7.08 -15.38 -27.62
CA ALA A 60 -6.49 -15.49 -26.30
C ALA A 60 -7.44 -14.98 -25.23
N ALA A 61 -7.98 -13.79 -25.46
CA ALA A 61 -8.90 -13.16 -24.51
C ALA A 61 -10.15 -14.02 -24.29
N GLU A 62 -10.72 -14.54 -25.37
CA GLU A 62 -11.92 -15.37 -25.29
C GLU A 62 -11.64 -16.66 -24.52
N LYS A 63 -10.47 -17.25 -24.75
CA LYS A 63 -10.08 -18.46 -24.04
C LYS A 63 -9.97 -18.18 -22.55
N LEU A 64 -9.29 -17.09 -22.21
CA LEU A 64 -9.10 -16.70 -20.81
C LEU A 64 -10.44 -16.48 -20.14
N MET A 65 -11.31 -15.70 -20.78
CA MET A 65 -12.63 -15.40 -20.25
C MET A 65 -13.47 -16.67 -20.10
N SER A 66 -13.28 -17.60 -21.01
CA SER A 66 -13.97 -18.89 -20.95
C SER A 66 -13.48 -19.71 -19.77
N LYS A 67 -12.21 -19.53 -19.41
CA LYS A 67 -11.63 -20.29 -18.31
C LYS A 67 -12.08 -19.78 -16.95
N TYR A 68 -12.30 -18.48 -16.86
CA TYR A 68 -12.70 -17.87 -15.60
C TYR A 68 -14.08 -17.22 -15.67
N SER A 69 -15.04 -17.87 -15.02
CA SER A 69 -16.44 -17.42 -15.01
C SER A 69 -16.66 -16.04 -14.37
N ASP A 70 -15.71 -15.62 -13.53
CA ASP A 70 -15.86 -14.34 -12.85
C ASP A 70 -15.70 -13.15 -13.79
N VAL A 71 -15.10 -13.37 -14.96
CA VAL A 71 -14.95 -12.29 -15.92
C VAL A 71 -16.27 -12.04 -16.62
N MET A 72 -16.86 -10.87 -16.38
CA MET A 72 -18.15 -10.54 -16.94
C MET A 72 -18.05 -9.92 -18.33
N LEU A 73 -17.03 -9.10 -18.53
CA LEU A 73 -16.89 -8.34 -19.77
C LEU A 73 -15.42 -8.08 -20.10
N ALA A 74 -15.09 -8.09 -21.38
CA ALA A 74 -13.75 -7.78 -21.83
C ALA A 74 -13.78 -6.82 -23.02
N TYR A 75 -12.91 -5.82 -23.00
CA TYR A 75 -12.77 -4.93 -24.16
C TYR A 75 -11.31 -4.77 -24.53
N GLY A 76 -10.98 -4.99 -25.79
CA GLY A 76 -9.60 -4.83 -26.20
C GLY A 76 -9.44 -4.29 -27.60
N ASP A 77 -8.28 -3.68 -27.82
CA ASP A 77 -7.94 -3.14 -29.13
C ASP A 77 -6.43 -3.02 -29.20
N SER A 78 -5.89 -3.01 -30.41
CA SER A 78 -4.44 -2.95 -30.60
C SER A 78 -3.75 -4.07 -29.81
N ASP A 79 -2.82 -3.69 -28.95
CA ASP A 79 -2.10 -4.65 -28.10
C ASP A 79 -2.66 -4.74 -26.68
N GLU A 80 -3.78 -4.08 -26.41
CA GLU A 80 -4.32 -4.03 -25.05
C GLU A 80 -5.65 -4.75 -24.87
N TYR A 81 -5.87 -5.24 -23.66
CA TYR A 81 -7.14 -5.86 -23.30
C TYR A 81 -7.52 -5.59 -21.84
N SER A 82 -8.77 -5.23 -21.62
CA SER A 82 -9.29 -4.93 -20.29
C SER A 82 -10.33 -5.96 -19.87
N PHE A 83 -10.22 -6.42 -18.63
CA PHE A 83 -11.13 -7.44 -18.10
C PHE A 83 -11.87 -6.96 -16.84
N LEU A 84 -13.18 -7.04 -16.87
CA LEU A 84 -14.03 -6.67 -15.75
C LEU A 84 -14.42 -7.89 -14.92
N LEU A 85 -14.07 -7.85 -13.64
CA LEU A 85 -14.44 -8.90 -12.69
C LEU A 85 -15.61 -8.43 -11.84
N ARG A 86 -16.58 -9.30 -11.61
CA ARG A 86 -17.71 -8.97 -10.77
C ARG A 86 -17.22 -8.52 -9.40
N LYS A 87 -17.86 -7.50 -8.83
CA LYS A 87 -17.42 -6.91 -7.58
C LYS A 87 -17.28 -7.95 -6.46
N ASN A 88 -18.05 -9.03 -6.56
CA ASN A 88 -18.09 -10.03 -5.50
C ASN A 88 -17.12 -11.19 -5.78
N CYS A 89 -16.31 -11.06 -6.82
CA CYS A 89 -15.33 -12.09 -7.18
C CYS A 89 -14.33 -12.37 -6.07
N GLN A 90 -14.22 -13.64 -5.68
CA GLN A 90 -13.29 -14.06 -4.62
C GLN A 90 -12.01 -14.75 -5.09
N LEU A 91 -11.76 -14.78 -6.39
CA LEU A 91 -10.62 -15.50 -6.97
C LEU A 91 -9.29 -15.10 -6.31
N TYR A 92 -8.56 -16.11 -5.82
CA TYR A 92 -7.29 -15.94 -5.10
C TYR A 92 -7.44 -14.98 -3.93
N GLU A 93 -8.62 -14.96 -3.33
CA GLU A 93 -8.97 -14.05 -2.23
C GLU A 93 -8.72 -12.59 -2.59
N ARG A 94 -8.92 -12.26 -3.86
CA ARG A 94 -8.75 -10.88 -4.35
C ARG A 94 -7.33 -10.36 -4.12
N ARG A 95 -6.35 -11.24 -4.15
CA ARG A 95 -4.96 -10.83 -4.01
C ARG A 95 -4.47 -10.24 -5.33
N GLU A 96 -4.06 -8.98 -5.29
CA GLU A 96 -3.66 -8.24 -6.48
C GLU A 96 -2.51 -8.94 -7.25
N MET A 97 -1.49 -9.37 -6.53
CA MET A 97 -0.32 -10.01 -7.15
C MET A 97 -0.71 -11.26 -7.92
N LYS A 98 -1.50 -12.12 -7.28
CA LYS A 98 -1.92 -13.37 -7.90
C LYS A 98 -2.70 -13.08 -9.16
N LEU A 99 -3.66 -12.17 -9.05
CA LEU A 99 -4.54 -11.82 -10.16
C LEU A 99 -3.77 -11.26 -11.35
N THR A 100 -2.89 -10.29 -11.09
CA THR A 100 -2.18 -9.60 -12.15
C THR A 100 -1.15 -10.50 -12.83
N THR A 101 -0.34 -11.20 -12.03
CA THR A 101 0.70 -12.07 -12.59
C THR A 101 0.07 -13.25 -13.33
N LEU A 102 -1.05 -13.72 -12.82
CA LEU A 102 -1.76 -14.81 -13.48
C LEU A 102 -2.32 -14.35 -14.82
N PHE A 103 -2.93 -13.16 -14.83
CA PHE A 103 -3.48 -12.61 -16.06
C PHE A 103 -2.41 -12.36 -17.13
N SER A 104 -1.27 -11.83 -16.71
CA SER A 104 -0.19 -11.57 -17.67
C SER A 104 0.39 -12.86 -18.21
N SER A 105 0.54 -13.85 -17.32
CA SER A 105 1.07 -15.15 -17.73
C SER A 105 0.13 -15.86 -18.71
N LEU A 106 -1.16 -15.85 -18.39
CA LEU A 106 -2.18 -16.47 -19.23
C LEU A 106 -2.27 -15.81 -20.60
N MET A 107 -2.32 -14.47 -20.62
CA MET A 107 -2.39 -13.76 -21.89
C MET A 107 -1.16 -14.05 -22.75
N SER A 108 0.01 -14.07 -22.10
CA SER A 108 1.25 -14.35 -22.82
C SER A 108 1.22 -15.74 -23.45
N THR A 109 0.89 -16.74 -22.65
CA THR A 109 0.89 -18.12 -23.12
C THR A 109 -0.18 -18.39 -24.18
N TYR A 110 -1.38 -17.88 -23.95
CA TYR A 110 -2.47 -18.03 -24.91
C TYR A 110 -2.11 -17.38 -26.24
N TYR A 111 -1.49 -16.21 -26.17
CA TYR A 111 -1.04 -15.52 -27.38
C TYR A 111 -0.03 -16.38 -28.12
N MET A 112 0.94 -16.92 -27.39
CA MET A 112 1.93 -17.80 -28.00
C MET A 112 1.27 -18.98 -28.69
N TYR A 113 0.28 -19.59 -28.04
CA TYR A 113 -0.41 -20.75 -28.62
C TYR A 113 -1.14 -20.39 -29.91
N PHE A 114 -2.03 -19.40 -29.84
CA PHE A 114 -2.82 -19.00 -31.01
C PHE A 114 -1.98 -18.41 -32.15
N TRP A 115 -0.82 -17.86 -31.84
CA TRP A 115 0.07 -17.35 -32.88
C TRP A 115 0.55 -18.47 -33.81
N SER A 116 0.95 -19.58 -33.21
CA SER A 116 1.37 -20.75 -33.98
C SER A 116 0.23 -21.31 -34.84
N GLN A 117 -1.00 -21.05 -34.40
CA GLN A 117 -2.17 -21.50 -35.15
C GLN A 117 -2.44 -20.57 -36.34
N TYR A 118 -2.38 -19.26 -36.10
CA TYR A 118 -2.64 -18.28 -37.15
C TYR A 118 -1.43 -18.02 -38.05
N PHE A 119 -0.24 -18.09 -37.46
CA PHE A 119 0.99 -17.80 -38.21
C PHE A 119 1.97 -18.96 -38.22
N PRO A 120 1.64 -20.05 -38.93
CA PRO A 120 2.61 -21.15 -39.03
C PRO A 120 3.83 -20.73 -39.86
N ASP A 121 3.62 -19.73 -40.71
CA ASP A 121 4.66 -19.21 -41.58
C ASP A 121 5.68 -18.36 -40.83
N LYS A 122 5.27 -17.81 -39.69
CA LYS A 122 6.13 -16.94 -38.89
C LYS A 122 6.40 -17.48 -37.49
N PRO A 123 7.30 -18.46 -37.37
CA PRO A 123 7.65 -19.00 -36.05
C PRO A 123 8.28 -17.95 -35.16
N LEU A 124 7.94 -17.95 -33.87
CA LEU A 124 8.40 -16.93 -32.94
C LEU A 124 9.90 -17.03 -32.63
N HIS A 125 10.52 -15.86 -32.52
CA HIS A 125 11.95 -15.75 -32.20
C HIS A 125 12.12 -15.54 -30.69
N ILE A 126 13.13 -16.17 -30.09
CA ILE A 126 13.34 -16.07 -28.65
C ILE A 126 13.47 -14.63 -28.14
N ASP A 127 14.02 -13.75 -28.96
CA ASP A 127 14.25 -12.38 -28.53
C ASP A 127 13.03 -11.51 -28.81
N HIS A 128 12.06 -12.05 -29.55
CA HIS A 128 10.77 -11.41 -29.62
C HIS A 128 9.69 -12.43 -29.32
N LEU A 129 9.22 -12.41 -28.07
CA LEU A 129 8.09 -13.22 -27.64
C LEU A 129 7.04 -12.25 -27.14
N PRO A 130 5.76 -12.58 -27.33
CA PRO A 130 4.79 -11.63 -26.80
C PRO A 130 4.82 -11.61 -25.28
N ASN A 131 5.02 -10.44 -24.71
CA ASN A 131 4.94 -10.26 -23.26
C ASN A 131 3.89 -9.21 -22.94
N PHE A 132 3.25 -9.35 -21.78
CA PHE A 132 2.21 -8.43 -21.39
C PHE A 132 2.46 -7.98 -19.96
N ASP A 133 2.16 -6.72 -19.66
CA ASP A 133 2.06 -6.32 -18.28
C ASP A 133 0.59 -6.41 -17.90
N ALA A 134 0.30 -6.21 -16.63
CA ALA A 134 -1.07 -6.25 -16.14
C ALA A 134 -1.21 -5.36 -14.92
N ARG A 135 -2.32 -4.64 -14.83
CA ARG A 135 -2.56 -3.83 -13.64
C ARG A 135 -4.00 -3.97 -13.17
N ALA A 136 -4.19 -3.85 -11.86
CA ALA A 136 -5.51 -3.93 -11.25
C ALA A 136 -5.99 -2.56 -10.79
N VAL A 137 -7.23 -2.23 -11.12
CA VAL A 137 -7.83 -0.96 -10.71
C VAL A 137 -9.20 -1.21 -10.09
N LEU A 138 -9.49 -0.54 -8.97
CA LEU A 138 -10.77 -0.72 -8.30
C LEU A 138 -11.75 0.41 -8.61
N TYR A 139 -12.96 0.04 -9.05
CA TYR A 139 -14.01 1.01 -9.27
C TYR A 139 -15.25 0.71 -8.42
N PRO A 140 -15.57 1.63 -7.50
CA PRO A 140 -16.66 1.45 -6.52
C PRO A 140 -18.06 1.55 -7.13
N ASP A 141 -18.20 2.21 -8.27
CA ASP A 141 -19.50 2.39 -8.90
C ASP A 141 -19.46 2.01 -10.38
N PHE A 142 -20.55 1.41 -10.84
CA PHE A 142 -20.64 0.94 -12.23
C PHE A 142 -20.59 2.05 -13.27
N LYS A 143 -20.99 3.26 -12.90
CA LYS A 143 -20.92 4.40 -13.81
C LYS A 143 -19.46 4.62 -14.22
N HIS A 144 -18.55 4.32 -13.30
CA HIS A 144 -17.12 4.45 -13.57
C HIS A 144 -16.66 3.34 -14.48
N ILE A 145 -17.34 2.19 -14.43
CA ILE A 145 -17.04 1.09 -15.32
C ILE A 145 -17.44 1.46 -16.74
N ARG A 146 -18.66 2.00 -16.87
CA ARG A 146 -19.19 2.45 -18.14
C ARG A 146 -18.25 3.48 -18.75
N ASN A 147 -17.85 4.44 -17.92
CA ASN A 147 -16.93 5.48 -18.34
C ASN A 147 -15.53 4.95 -18.67
N TYR A 148 -15.13 3.88 -18.01
CA TYR A 148 -13.83 3.25 -18.30
C TYR A 148 -13.83 2.67 -19.69
N PHE A 149 -14.79 1.80 -19.96
CA PHE A 149 -14.85 1.15 -21.26
C PHE A 149 -15.08 2.18 -22.35
N SER A 150 -15.81 3.25 -22.00
CA SER A 150 -16.01 4.37 -22.90
C SER A 150 -14.65 5.01 -23.24
N TRP A 151 -13.85 5.23 -22.20
CA TRP A 151 -12.50 5.76 -22.35
C TRP A 151 -11.67 4.92 -23.30
N ARG A 152 -11.70 3.60 -23.09
CA ARG A 152 -10.90 2.71 -23.93
C ARG A 152 -11.35 2.73 -25.38
N GLN A 153 -12.67 2.76 -25.59
CA GLN A 153 -13.19 2.76 -26.95
C GLN A 153 -12.91 4.07 -27.69
N VAL A 154 -13.02 5.19 -26.99
CA VAL A 154 -12.68 6.48 -27.56
C VAL A 154 -11.19 6.53 -27.92
N ASP A 155 -10.37 5.96 -27.05
CA ASP A 155 -8.93 5.89 -27.31
C ASP A 155 -8.68 5.05 -28.56
N CYS A 156 -9.43 3.97 -28.71
CA CYS A 156 -9.31 3.12 -29.89
C CYS A 156 -9.67 3.89 -31.16
N HIS A 157 -10.76 4.65 -31.09
CA HIS A 157 -11.23 5.45 -32.23
C HIS A 157 -10.14 6.45 -32.64
N ILE A 158 -9.67 7.23 -31.67
CA ILE A 158 -8.64 8.23 -31.93
C ILE A 158 -7.37 7.64 -32.53
N ASN A 159 -6.83 6.60 -31.89
CA ASN A 159 -5.58 5.99 -32.35
C ASN A 159 -5.72 5.35 -33.73
N ASN A 160 -6.84 4.70 -33.98
CA ASN A 160 -7.08 4.10 -35.29
C ASN A 160 -7.16 5.18 -36.35
N LEU A 161 -7.80 6.29 -36.01
CA LEU A 161 -7.91 7.41 -36.93
C LEU A 161 -6.51 7.93 -37.28
N TYR A 162 -5.68 8.13 -36.28
CA TYR A 162 -4.30 8.59 -36.48
C TYR A 162 -3.46 7.64 -37.34
N ASN A 163 -3.41 6.36 -36.98
CA ASN A 163 -2.56 5.45 -37.76
C ASN A 163 -3.08 5.29 -39.19
N THR A 164 -4.39 5.17 -39.36
CA THR A 164 -4.95 5.00 -40.70
C THR A 164 -4.68 6.22 -41.57
N THR A 165 -4.87 7.42 -41.01
CA THR A 165 -4.61 8.63 -41.78
C THR A 165 -3.13 8.75 -42.14
N PHE A 166 -2.25 8.57 -41.15
CA PHE A 166 -0.81 8.63 -41.37
C PHE A 166 -0.37 7.67 -42.48
N TRP A 167 -0.71 6.40 -42.31
CA TRP A 167 -0.32 5.36 -43.26
C TRP A 167 -0.92 5.57 -44.64
N ASN A 168 -2.13 6.10 -44.71
CA ASN A 168 -2.75 6.43 -46.00
C ASN A 168 -2.07 7.61 -46.69
N LEU A 169 -1.62 8.57 -45.89
CA LEU A 169 -0.86 9.70 -46.40
C LEU A 169 0.47 9.22 -46.96
N VAL A 170 1.04 8.22 -46.31
CA VAL A 170 2.30 7.63 -46.76
C VAL A 170 2.10 6.80 -48.04
N LEU A 171 1.07 5.95 -48.05
CA LEU A 171 0.83 5.04 -49.15
C LEU A 171 0.18 5.67 -50.39
N LYS A 172 -0.92 6.39 -50.20
CA LYS A 172 -1.65 6.98 -51.33
C LYS A 172 -0.98 8.21 -51.92
N LEU A 173 -0.60 9.14 -51.05
CA LEU A 173 0.07 10.37 -51.47
C LEU A 173 1.59 10.23 -51.56
N LYS A 174 2.09 9.03 -51.27
CA LYS A 174 3.54 8.74 -51.31
C LYS A 174 4.36 9.69 -50.45
N MET A 175 3.75 10.21 -49.39
CA MET A 175 4.43 11.13 -48.48
C MET A 175 5.51 10.43 -47.64
N THR A 176 6.45 11.23 -47.17
CA THR A 176 7.48 10.80 -46.23
C THR A 176 6.86 10.81 -44.83
N PRO A 177 7.30 9.92 -43.92
CA PRO A 177 6.76 9.94 -42.56
C PRO A 177 6.78 11.33 -41.93
N GLN A 178 7.84 12.09 -42.19
CA GLN A 178 7.92 13.46 -41.70
C GLN A 178 6.88 14.34 -42.41
N GLN A 179 6.67 14.09 -43.69
CA GLN A 179 5.69 14.86 -44.44
C GLN A 179 4.27 14.60 -43.95
N ALA A 180 3.92 13.32 -43.77
CA ALA A 180 2.60 12.96 -43.25
C ALA A 180 2.41 13.50 -41.83
N GLU A 181 3.48 13.42 -41.03
CA GLU A 181 3.46 13.94 -39.66
C GLU A 181 3.18 15.44 -39.66
N GLN A 182 3.87 16.15 -40.54
CA GLN A 182 3.71 17.59 -40.69
C GLN A 182 2.31 17.93 -41.18
N ARG A 183 1.76 17.08 -42.04
CA ARG A 183 0.41 17.25 -42.56
C ARG A 183 -0.64 17.10 -41.46
N LEU A 184 -0.39 16.18 -40.52
CA LEU A 184 -1.35 15.90 -39.46
C LEU A 184 -1.25 16.82 -38.26
N MET A 185 -0.26 17.71 -38.26
CA MET A 185 -0.05 18.64 -37.16
C MET A 185 -1.24 19.58 -36.94
N GLY A 186 -1.74 19.61 -35.72
CA GLY A 186 -2.85 20.48 -35.34
C GLY A 186 -4.21 20.05 -35.88
N THR A 187 -4.28 18.83 -36.40
CA THR A 187 -5.53 18.29 -36.94
C THR A 187 -6.34 17.55 -35.88
N VAL A 188 -7.66 17.62 -35.99
CA VAL A 188 -8.54 16.92 -35.06
C VAL A 188 -9.26 15.82 -35.84
N ALA A 189 -10.05 15.00 -35.12
CA ALA A 189 -10.72 13.84 -35.69
C ALA A 189 -11.44 14.15 -37.02
N SER A 190 -12.18 15.24 -37.03
CA SER A 190 -12.91 15.66 -38.22
C SER A 190 -11.93 15.99 -39.34
N ASP A 191 -10.82 16.65 -38.98
CA ASP A 191 -9.79 16.99 -39.96
C ASP A 191 -9.14 15.74 -40.52
N LYS A 192 -8.88 14.76 -39.67
CA LYS A 192 -8.29 13.50 -40.12
C LYS A 192 -9.23 12.74 -41.06
N ASN A 193 -10.52 12.72 -40.74
CA ASN A 193 -11.51 12.08 -41.61
C ASN A 193 -11.60 12.77 -42.97
N GLU A 194 -11.59 14.10 -42.93
CA GLU A 194 -11.66 14.90 -44.14
C GLU A 194 -10.40 14.76 -45.00
N ILE A 195 -9.25 14.70 -44.35
CA ILE A 195 -7.98 14.46 -45.03
C ILE A 195 -7.99 13.10 -45.70
N LEU A 196 -8.47 12.10 -44.98
CA LEU A 196 -8.56 10.75 -45.53
C LEU A 196 -9.45 10.70 -46.76
N PHE A 197 -10.63 11.29 -46.66
CA PHE A 197 -11.60 11.20 -47.76
C PHE A 197 -11.16 12.05 -48.95
N LYS A 198 -10.88 13.33 -48.72
CA LYS A 198 -10.51 14.25 -49.80
C LYS A 198 -9.12 14.04 -50.40
N GLU A 199 -8.10 13.95 -49.55
CA GLU A 199 -6.72 13.85 -50.03
C GLU A 199 -6.25 12.43 -50.38
N CYS A 200 -6.61 11.46 -49.55
CA CYS A 200 -6.14 10.08 -49.77
C CYS A 200 -7.15 9.23 -50.54
N GLY A 201 -8.36 9.75 -50.70
CA GLY A 201 -9.43 9.04 -51.37
C GLY A 201 -9.91 7.80 -50.66
N VAL A 202 -9.92 7.85 -49.32
CA VAL A 202 -10.36 6.71 -48.52
C VAL A 202 -11.53 7.11 -47.63
N ASN A 203 -12.61 6.33 -47.66
CA ASN A 203 -13.73 6.58 -46.77
C ASN A 203 -13.59 5.78 -45.49
N TYR A 204 -13.35 6.49 -44.39
CA TYR A 204 -13.14 5.87 -43.09
C TYR A 204 -14.35 5.06 -42.62
N ASN A 205 -15.54 5.57 -42.91
CA ASN A 205 -16.77 4.89 -42.50
C ASN A 205 -16.89 3.48 -43.06
N ASN A 206 -16.16 3.22 -44.15
CA ASN A 206 -16.17 1.91 -44.79
C ASN A 206 -15.12 0.97 -44.20
N GLU A 207 -14.31 1.47 -43.27
CA GLU A 207 -13.32 0.64 -42.60
C GLU A 207 -13.97 -0.43 -41.73
N SER A 208 -13.24 -1.51 -41.50
CA SER A 208 -13.72 -2.62 -40.68
C SER A 208 -14.24 -2.18 -39.32
N GLU A 209 -15.38 -2.73 -38.92
CA GLU A 209 -15.99 -2.43 -37.63
C GLU A 209 -15.08 -2.81 -36.47
N MET A 210 -14.28 -3.86 -36.63
CA MET A 210 -13.31 -4.24 -35.63
C MET A 210 -12.24 -3.17 -35.46
N TYR A 211 -11.82 -2.60 -36.59
CA TYR A 211 -10.79 -1.57 -36.60
C TYR A 211 -11.26 -0.29 -35.92
N LYS A 212 -12.49 0.14 -36.22
CA LYS A 212 -13.00 1.39 -35.67
C LYS A 212 -13.54 1.27 -34.24
N LYS A 213 -14.27 0.19 -33.97
CA LYS A 213 -14.92 0.03 -32.67
C LYS A 213 -14.18 -0.85 -31.64
N GLY A 214 -13.18 -1.59 -32.09
CA GLY A 214 -12.50 -2.52 -31.19
C GLY A 214 -13.25 -3.83 -31.10
N THR A 215 -12.96 -4.63 -30.08
CA THR A 215 -13.61 -5.92 -29.89
C THR A 215 -14.21 -6.06 -28.49
N ILE A 216 -15.48 -6.46 -28.41
CA ILE A 216 -16.13 -6.66 -27.11
C ILE A 216 -16.52 -8.12 -26.88
N ILE A 217 -16.05 -8.69 -25.77
CA ILE A 217 -16.46 -10.04 -25.37
C ILE A 217 -17.30 -10.02 -24.10
N VAL A 218 -18.57 -10.41 -24.20
CA VAL A 218 -19.47 -10.35 -23.06
C VAL A 218 -20.05 -11.73 -22.74
N ARG A 219 -20.21 -12.02 -21.45
CA ARG A 219 -20.84 -13.26 -21.01
C ARG A 219 -22.36 -13.11 -21.16
N GLU A 220 -22.96 -13.97 -21.98
CA GLU A 220 -24.39 -13.90 -22.22
C GLU A 220 -25.14 -15.06 -21.54
N GLU A 248 -23.05 -18.22 -22.60
CA GLU A 248 -22.37 -18.03 -23.88
C GLU A 248 -21.51 -16.78 -23.93
N LEU A 249 -20.39 -16.89 -24.63
CA LEU A 249 -19.48 -15.75 -24.81
C LEU A 249 -19.69 -15.16 -26.19
N LYS A 250 -20.22 -13.94 -26.26
CA LYS A 250 -20.48 -13.33 -27.55
C LYS A 250 -19.56 -12.16 -27.87
N ILE A 251 -19.14 -12.11 -29.12
CA ILE A 251 -18.24 -11.08 -29.61
C ILE A 251 -19.00 -10.03 -30.44
N TYR A 252 -18.78 -8.76 -30.12
CA TYR A 252 -19.40 -7.66 -30.85
C TYR A 252 -18.37 -6.63 -31.30
N HIS A 253 -18.65 -5.95 -32.41
CA HIS A 253 -17.95 -4.71 -32.71
C HIS A 253 -19.03 -3.65 -32.86
N VAL A 254 -19.23 -2.87 -31.80
CA VAL A 254 -20.33 -1.90 -31.69
C VAL A 254 -19.96 -0.75 -30.76
N ASP A 255 -20.73 0.33 -30.82
CA ASP A 255 -20.57 1.41 -29.86
C ASP A 255 -21.22 1.09 -28.53
N ILE A 256 -20.42 1.06 -27.46
CA ILE A 256 -20.96 0.89 -26.11
C ILE A 256 -20.99 2.21 -25.34
N ILE A 257 -20.44 3.26 -25.95
CA ILE A 257 -20.35 4.56 -25.29
C ILE A 257 -21.71 5.22 -25.11
N ASN A 258 -22.40 5.44 -26.23
CA ASN A 258 -23.67 6.14 -26.22
C ASN A 258 -24.90 5.23 -26.19
N ASP A 259 -24.68 3.93 -26.37
CA ASP A 259 -25.81 3.01 -26.35
C ASP A 259 -26.04 2.57 -24.92
N ASP A 260 -27.06 3.16 -24.30
CA ASP A 260 -27.44 2.84 -22.94
C ASP A 260 -28.21 1.53 -22.87
N SER A 261 -29.02 1.28 -23.89
CA SER A 261 -29.84 0.08 -23.95
C SER A 261 -28.98 -1.18 -24.00
N TRP A 262 -27.78 -1.04 -24.55
CA TRP A 262 -26.83 -2.16 -24.59
C TRP A 262 -26.47 -2.60 -23.18
N TRP A 263 -26.27 -1.64 -22.30
CA TRP A 263 -25.93 -1.92 -20.90
C TRP A 263 -27.16 -2.35 -20.10
N LYS A 264 -28.25 -1.60 -20.27
CA LYS A 264 -29.51 -1.87 -19.57
C LYS A 264 -30.00 -3.30 -19.76
N SER A 265 -29.84 -3.81 -20.98
CA SER A 265 -30.29 -5.16 -21.31
C SER A 265 -29.39 -6.23 -20.70
N ARG A 266 -28.30 -5.79 -20.10
CA ARG A 266 -27.35 -6.68 -19.45
C ARG A 266 -27.11 -6.31 -17.98
N PRO A 267 -28.10 -6.55 -17.13
CA PRO A 267 -28.03 -6.21 -15.69
C PRO A 267 -27.04 -7.09 -14.94
N TRP A 268 -26.77 -8.28 -15.47
CA TRP A 268 -25.85 -9.21 -14.80
C TRP A 268 -24.43 -8.67 -14.77
N LEU A 269 -24.15 -7.69 -15.62
CA LEU A 269 -22.86 -7.03 -15.62
C LEU A 269 -22.67 -6.23 -14.33
N LYS A 270 -23.76 -5.65 -13.84
CA LYS A 270 -23.74 -4.87 -12.60
C LYS A 270 -23.63 -5.76 -11.37
N ASP A 271 -24.08 -7.00 -11.49
CA ASP A 271 -24.16 -7.92 -10.36
C ASP A 271 -24.48 -9.34 -10.78
N SER B 7 -11.00 15.18 -22.54
CA SER B 7 -11.96 14.08 -22.58
C SER B 7 -12.74 13.96 -21.28
N LYS B 8 -13.99 13.54 -21.39
CA LYS B 8 -14.85 13.39 -20.22
C LYS B 8 -14.70 12.03 -19.55
N TYR B 9 -14.05 11.08 -20.21
CA TYR B 9 -13.88 9.74 -19.66
C TYR B 9 -12.51 9.44 -19.03
N GLU B 10 -11.54 10.34 -19.18
CA GLU B 10 -10.19 10.08 -18.67
C GLU B 10 -10.06 10.09 -17.14
N TYR B 11 -11.03 10.67 -16.45
CA TYR B 11 -10.96 10.81 -15.00
C TYR B 11 -10.76 9.48 -14.27
N VAL B 12 -11.21 8.40 -14.89
CA VAL B 12 -11.10 7.06 -14.31
C VAL B 12 -9.65 6.69 -14.04
N LYS B 13 -8.73 7.32 -14.79
CA LYS B 13 -7.30 7.07 -14.64
C LYS B 13 -6.83 7.41 -13.23
N LEU B 14 -7.59 8.27 -12.55
CA LEU B 14 -7.26 8.67 -11.20
C LEU B 14 -7.49 7.58 -10.17
N PHE B 15 -8.16 6.50 -10.55
CA PHE B 15 -8.43 5.42 -9.61
C PHE B 15 -7.27 4.44 -9.50
N GLU B 16 -6.31 4.53 -10.42
CA GLU B 16 -5.18 3.61 -10.43
C GLU B 16 -4.21 3.90 -9.29
N LYS B 17 -3.74 2.85 -8.64
CA LYS B 17 -2.75 2.99 -7.57
C LYS B 17 -1.48 2.18 -7.81
N GLU B 18 -0.36 2.89 -7.99
CA GLU B 18 0.94 2.27 -8.17
C GLU B 18 1.68 2.14 -6.84
N ASN B 19 2.47 1.07 -6.68
CA ASN B 19 3.28 0.89 -5.49
C ASN B 19 4.77 0.88 -5.85
N TYR B 20 5.47 1.92 -5.44
CA TYR B 20 6.91 2.03 -5.67
C TYR B 20 7.71 1.42 -4.52
N LEU B 21 8.47 0.38 -4.84
CA LEU B 21 9.27 -0.33 -3.84
C LEU B 21 10.37 0.55 -3.24
N LEU B 22 10.55 0.43 -1.93
CA LEU B 22 11.54 1.21 -1.20
C LEU B 22 12.90 1.17 -1.86
N PRO B 23 13.47 2.36 -2.15
CA PRO B 23 14.76 2.48 -2.82
C PRO B 23 15.89 1.86 -2.01
N ASP B 24 17.00 1.54 -2.68
CA ASP B 24 18.19 0.99 -2.02
C ASP B 24 17.84 -0.25 -1.20
N THR B 25 16.91 -1.05 -1.71
CA THR B 25 16.55 -2.29 -1.03
C THR B 25 16.65 -3.45 -1.99
N TYR B 26 17.13 -4.59 -1.50
CA TYR B 26 17.23 -5.78 -2.33
C TYR B 26 15.84 -6.24 -2.68
N ILE B 27 15.63 -6.56 -3.95
CA ILE B 27 14.34 -7.05 -4.38
C ILE B 27 14.48 -8.49 -4.82
N ILE B 28 13.70 -9.37 -4.21
CA ILE B 28 13.66 -10.75 -4.67
C ILE B 28 12.34 -11.00 -5.35
N ILE B 29 12.40 -11.42 -6.60
CA ILE B 29 11.19 -11.78 -7.32
C ILE B 29 11.14 -13.29 -7.46
N ARG B 30 10.13 -13.90 -6.85
CA ARG B 30 9.97 -15.34 -6.91
C ARG B 30 8.81 -15.72 -7.81
N VAL B 31 9.12 -16.54 -8.81
CA VAL B 31 8.09 -17.06 -9.70
C VAL B 31 7.85 -18.53 -9.40
N ASP B 32 6.59 -18.94 -9.46
CA ASP B 32 6.26 -20.33 -9.19
C ASP B 32 5.17 -20.82 -10.13
N GLY B 33 5.45 -21.95 -10.78
CA GLY B 33 4.54 -22.56 -11.72
C GLY B 33 3.16 -22.87 -11.14
N LYS B 34 2.13 -22.47 -11.87
CA LYS B 34 0.77 -22.70 -11.42
C LYS B 34 0.30 -24.11 -11.75
N GLY B 35 -0.06 -24.87 -10.73
CA GLY B 35 -0.55 -26.23 -10.89
C GLY B 35 0.38 -27.14 -11.66
N PHE B 36 1.67 -27.06 -11.34
CA PHE B 36 2.68 -27.88 -12.04
C PHE B 36 2.66 -29.35 -11.65
N HIS B 37 1.89 -29.71 -10.63
CA HIS B 37 1.69 -31.12 -10.34
C HIS B 37 0.89 -31.76 -11.48
N LYS B 38 -0.25 -31.14 -11.78
CA LYS B 38 -1.12 -31.57 -12.87
C LYS B 38 -0.40 -31.43 -14.21
N PHE B 39 0.42 -30.39 -14.32
CA PHE B 39 1.23 -30.15 -15.49
C PHE B 39 2.23 -31.30 -15.72
N SER B 40 2.90 -31.68 -14.64
CA SER B 40 3.89 -32.76 -14.67
C SER B 40 3.25 -34.12 -14.96
N GLN B 41 2.01 -34.29 -14.49
CA GLN B 41 1.28 -35.53 -14.75
C GLN B 41 0.86 -35.59 -16.21
N PHE B 42 0.30 -34.49 -16.71
CA PHE B 42 -0.20 -34.37 -18.07
C PHE B 42 0.86 -34.66 -19.13
N TYR B 43 2.05 -34.12 -18.94
CA TYR B 43 3.13 -34.26 -19.92
C TYR B 43 4.04 -35.43 -19.61
N GLU B 44 3.63 -36.26 -18.64
CA GLU B 44 4.35 -37.47 -18.27
C GLU B 44 5.81 -37.23 -17.92
N PHE B 45 6.03 -36.33 -16.96
CA PHE B 45 7.38 -36.03 -16.48
C PHE B 45 8.02 -37.28 -15.88
N GLU B 46 9.34 -37.40 -16.04
CA GLU B 46 10.10 -38.46 -15.39
C GLU B 46 10.11 -38.25 -13.89
N LYS B 47 9.98 -39.31 -13.11
CA LYS B 47 9.91 -39.17 -11.67
C LYS B 47 11.00 -39.99 -10.99
N PRO B 48 11.53 -39.49 -9.87
CA PRO B 48 11.15 -38.26 -9.17
C PRO B 48 11.51 -36.97 -9.91
N ASN B 49 12.59 -36.99 -10.69
CA ASN B 49 13.03 -35.81 -11.40
C ASN B 49 13.18 -36.00 -12.90
N ASP B 50 12.58 -35.10 -13.68
CA ASP B 50 12.73 -35.09 -15.13
C ASP B 50 13.80 -34.07 -15.51
N LEU B 51 14.92 -34.57 -16.02
CA LEU B 51 16.08 -33.75 -16.34
C LEU B 51 15.80 -32.60 -17.32
N LYS B 52 15.20 -32.95 -18.46
CA LYS B 52 14.95 -31.96 -19.52
C LYS B 52 14.03 -30.83 -19.11
N ALA B 53 13.03 -31.12 -18.27
CA ALA B 53 12.13 -30.08 -17.77
C ALA B 53 12.89 -29.05 -16.94
N LEU B 54 13.80 -29.55 -16.11
CA LEU B 54 14.61 -28.68 -15.28
C LEU B 54 15.60 -27.91 -16.15
N GLN B 55 15.97 -28.51 -17.28
CA GLN B 55 16.85 -27.82 -18.23
C GLN B 55 16.11 -26.71 -18.96
N VAL B 56 14.81 -26.92 -19.18
CA VAL B 56 13.95 -25.88 -19.75
C VAL B 56 13.85 -24.73 -18.76
N MET B 57 13.59 -25.08 -17.50
CA MET B 57 13.50 -24.08 -16.44
C MET B 57 14.78 -23.24 -16.40
N ASN B 58 15.92 -23.94 -16.37
CA ASN B 58 17.22 -23.30 -16.30
C ASN B 58 17.53 -22.44 -17.53
N SER B 59 17.11 -22.91 -18.70
CA SER B 59 17.30 -22.16 -19.93
C SER B 59 16.50 -20.86 -19.91
N ALA B 60 15.25 -20.95 -19.49
CA ALA B 60 14.39 -19.77 -19.36
C ALA B 60 14.98 -18.75 -18.39
N ALA B 61 15.38 -19.24 -17.22
CA ALA B 61 15.96 -18.38 -16.19
C ALA B 61 17.25 -17.71 -16.69
N GLU B 62 18.09 -18.49 -17.37
CA GLU B 62 19.35 -17.98 -17.91
C GLU B 62 19.12 -16.91 -18.98
N LYS B 63 18.12 -17.13 -19.84
CA LYS B 63 17.79 -16.16 -20.88
C LYS B 63 17.28 -14.85 -20.27
N LEU B 64 16.38 -14.97 -19.30
CA LEU B 64 15.83 -13.80 -18.62
C LEU B 64 16.95 -13.01 -17.95
N MET B 65 17.79 -13.72 -17.21
CA MET B 65 18.92 -13.10 -16.50
C MET B 65 19.89 -12.44 -17.47
N SER B 66 20.06 -13.05 -18.64
CA SER B 66 20.92 -12.49 -19.67
C SER B 66 20.32 -11.21 -20.23
N LYS B 67 18.99 -11.14 -20.26
CA LYS B 67 18.31 -9.98 -20.83
C LYS B 67 18.31 -8.76 -19.89
N TYR B 68 18.25 -9.01 -18.58
CA TYR B 68 18.22 -7.90 -17.62
C TYR B 68 19.42 -7.94 -16.68
N SER B 69 20.31 -6.98 -16.88
CA SER B 69 21.57 -6.89 -16.13
C SER B 69 21.44 -6.70 -14.62
N ASP B 70 20.31 -6.19 -14.15
CA ASP B 70 20.14 -5.93 -12.71
C ASP B 70 20.04 -7.20 -11.87
N VAL B 71 19.75 -8.34 -12.51
CA VAL B 71 19.67 -9.58 -11.74
C VAL B 71 21.08 -10.11 -11.47
N MET B 72 21.45 -10.13 -10.20
CA MET B 72 22.78 -10.56 -9.79
C MET B 72 22.86 -12.06 -9.60
N LEU B 73 21.78 -12.64 -9.10
CA LEU B 73 21.77 -14.06 -8.74
C LEU B 73 20.39 -14.66 -8.93
N ALA B 74 20.36 -15.93 -9.33
CA ALA B 74 19.10 -16.65 -9.47
C ALA B 74 19.23 -18.04 -8.88
N TYR B 75 18.23 -18.45 -8.12
CA TYR B 75 18.19 -19.83 -7.61
C TYR B 75 16.84 -20.45 -7.84
N GLY B 76 16.82 -21.64 -8.44
CA GLY B 76 15.54 -22.29 -8.67
C GLY B 76 15.60 -23.79 -8.55
N ASP B 77 14.44 -24.37 -8.26
CA ASP B 77 14.32 -25.81 -8.13
C ASP B 77 12.87 -26.18 -8.34
N SER B 78 12.62 -27.42 -8.72
CA SER B 78 11.27 -27.87 -9.02
C SER B 78 10.63 -26.92 -10.04
N ASP B 79 9.48 -26.37 -9.68
CA ASP B 79 8.77 -25.43 -10.53
C ASP B 79 9.00 -23.95 -10.20
N GLU B 80 9.90 -23.67 -9.26
CA GLU B 80 10.09 -22.29 -8.80
C GLU B 80 11.46 -21.72 -9.12
N TYR B 81 11.51 -20.40 -9.24
CA TYR B 81 12.77 -19.67 -9.43
C TYR B 81 12.75 -18.31 -8.74
N SER B 82 13.83 -18.01 -8.03
CA SER B 82 13.99 -16.77 -7.27
C SER B 82 15.07 -15.90 -7.90
N PHE B 83 14.79 -14.60 -8.01
CA PHE B 83 15.73 -13.66 -8.62
C PHE B 83 16.10 -12.52 -7.68
N LEU B 84 17.40 -12.32 -7.50
CA LEU B 84 17.91 -11.22 -6.69
C LEU B 84 18.27 -10.04 -7.57
N LEU B 85 17.65 -8.91 -7.29
CA LEU B 85 17.93 -7.66 -7.98
C LEU B 85 18.81 -6.80 -7.10
N ARG B 86 19.84 -6.19 -7.69
CA ARG B 86 20.71 -5.30 -6.92
C ARG B 86 19.87 -4.22 -6.25
N LYS B 87 20.24 -3.87 -5.03
CA LYS B 87 19.47 -2.93 -4.21
C LYS B 87 19.20 -1.61 -4.93
N ASN B 88 20.10 -1.22 -5.83
CA ASN B 88 20.05 0.06 -6.51
C ASN B 88 19.32 0.00 -7.84
N CYS B 89 18.69 -1.15 -8.09
CA CYS B 89 17.93 -1.34 -9.31
C CYS B 89 16.84 -0.30 -9.50
N GLN B 90 16.89 0.39 -10.64
CA GLN B 90 15.90 1.41 -10.97
C GLN B 90 14.89 0.95 -12.03
N LEU B 91 14.96 -0.33 -12.40
CA LEU B 91 14.14 -0.88 -13.49
C LEU B 91 12.63 -0.61 -13.30
N TYR B 92 12.03 -0.02 -14.33
CA TYR B 92 10.61 0.35 -14.33
C TYR B 92 10.26 1.24 -13.14
N GLU B 93 11.23 2.05 -12.71
CA GLU B 93 11.08 2.95 -11.59
C GLU B 93 10.66 2.18 -10.34
N ARG B 94 11.10 0.94 -10.24
CA ARG B 94 10.79 0.05 -9.12
C ARG B 94 9.29 -0.13 -8.89
N ARG B 95 8.52 -0.08 -9.98
CA ARG B 95 7.08 -0.31 -9.89
C ARG B 95 6.81 -1.80 -9.72
N GLU B 96 6.16 -2.16 -8.61
CA GLU B 96 5.94 -3.56 -8.26
C GLU B 96 5.16 -4.34 -9.32
N MET B 97 4.05 -3.78 -9.79
CA MET B 97 3.19 -4.45 -10.77
C MET B 97 3.94 -4.74 -12.06
N LYS B 98 4.67 -3.75 -12.57
CA LYS B 98 5.43 -3.94 -13.80
C LYS B 98 6.43 -5.07 -13.64
N LEU B 99 7.19 -5.03 -12.56
CA LEU B 99 8.23 -6.02 -12.32
C LEU B 99 7.63 -7.43 -12.24
N THR B 100 6.59 -7.59 -11.43
CA THR B 100 6.03 -8.90 -11.20
C THR B 100 5.32 -9.48 -12.43
N THR B 101 4.47 -8.69 -13.07
CA THR B 101 3.74 -9.20 -14.22
C THR B 101 4.67 -9.47 -15.39
N LEU B 102 5.70 -8.64 -15.53
CA LEU B 102 6.67 -8.86 -16.60
C LEU B 102 7.50 -10.11 -16.31
N PHE B 103 7.92 -10.30 -15.07
CA PHE B 103 8.66 -11.51 -14.73
C PHE B 103 7.84 -12.78 -14.97
N SER B 104 6.57 -12.77 -14.59
CA SER B 104 5.72 -13.94 -14.81
C SER B 104 5.46 -14.19 -16.29
N SER B 105 5.25 -13.11 -17.05
CA SER B 105 5.01 -13.21 -18.48
C SER B 105 6.24 -13.77 -19.20
N LEU B 106 7.40 -13.23 -18.85
CA LEU B 106 8.67 -13.66 -19.43
C LEU B 106 8.94 -15.14 -19.12
N MET B 107 8.75 -15.52 -17.86
CA MET B 107 8.95 -16.91 -17.48
C MET B 107 8.03 -17.86 -18.25
N SER B 108 6.77 -17.46 -18.40
CA SER B 108 5.80 -18.26 -19.13
C SER B 108 6.17 -18.45 -20.60
N THR B 109 6.47 -17.35 -21.27
CA THR B 109 6.81 -17.39 -22.70
C THR B 109 8.13 -18.11 -22.99
N TYR B 110 9.15 -17.80 -22.20
CA TYR B 110 10.43 -18.48 -22.35
C TYR B 110 10.27 -19.98 -22.10
N TYR B 111 9.47 -20.31 -21.09
CA TYR B 111 9.20 -21.72 -20.79
C TYR B 111 8.55 -22.39 -21.99
N MET B 112 7.55 -21.75 -22.57
CA MET B 112 6.88 -22.28 -23.75
C MET B 112 7.87 -22.51 -24.90
N TYR B 113 8.74 -21.53 -25.11
CA TYR B 113 9.72 -21.59 -26.19
C TYR B 113 10.70 -22.77 -26.00
N PHE B 114 11.37 -22.79 -24.86
CA PHE B 114 12.33 -23.86 -24.57
C PHE B 114 11.67 -25.23 -24.45
N TRP B 115 10.37 -25.25 -24.13
CA TRP B 115 9.62 -26.50 -24.16
C TRP B 115 9.47 -26.98 -25.59
N SER B 116 9.15 -26.05 -26.48
CA SER B 116 9.05 -26.39 -27.90
C SER B 116 10.39 -26.88 -28.43
N GLN B 117 11.49 -26.41 -27.84
CA GLN B 117 12.81 -26.88 -28.27
C GLN B 117 13.24 -28.23 -27.68
N TYR B 118 13.01 -28.43 -26.38
CA TYR B 118 13.41 -29.67 -25.71
C TYR B 118 12.41 -30.80 -25.91
N PHE B 119 11.14 -30.46 -26.04
CA PHE B 119 10.08 -31.46 -26.20
C PHE B 119 9.28 -31.27 -27.49
N PRO B 120 9.90 -31.52 -28.65
CA PRO B 120 9.12 -31.45 -29.90
C PRO B 120 8.09 -32.57 -30.00
N ASP B 121 8.34 -33.67 -29.30
CA ASP B 121 7.43 -34.81 -29.30
C ASP B 121 6.19 -34.52 -28.48
N LYS B 122 6.31 -33.56 -27.56
CA LYS B 122 5.18 -33.21 -26.70
C LYS B 122 4.74 -31.76 -26.91
N PRO B 123 4.01 -31.50 -28.01
CA PRO B 123 3.49 -30.15 -28.26
C PRO B 123 2.51 -29.74 -27.17
N LEU B 124 2.56 -28.48 -26.77
CA LEU B 124 1.73 -28.01 -25.65
C LEU B 124 0.25 -27.96 -26.02
N HIS B 125 -0.59 -28.34 -25.07
CA HIS B 125 -2.03 -28.31 -25.27
C HIS B 125 -2.57 -26.99 -24.71
N ILE B 126 -3.53 -26.39 -25.40
CA ILE B 126 -4.07 -25.10 -25.02
C ILE B 126 -4.57 -25.04 -23.57
N ASP B 127 -5.07 -26.16 -23.06
CA ASP B 127 -5.63 -26.18 -21.71
C ASP B 127 -4.61 -26.50 -20.64
N HIS B 128 -3.40 -26.88 -21.06
CA HIS B 128 -2.29 -26.95 -20.14
C HIS B 128 -1.13 -26.18 -20.76
N LEU B 129 -0.94 -24.97 -20.28
CA LEU B 129 0.17 -24.11 -20.66
C LEU B 129 0.97 -23.80 -19.41
N PRO B 130 2.29 -23.66 -19.55
CA PRO B 130 2.98 -23.28 -18.32
C PRO B 130 2.58 -21.89 -17.90
N ASN B 131 2.08 -21.77 -16.67
CA ASN B 131 1.80 -20.45 -16.11
C ASN B 131 2.57 -20.29 -14.81
N PHE B 132 2.93 -19.06 -14.50
CA PHE B 132 3.70 -18.78 -13.30
C PHE B 132 3.08 -17.62 -12.55
N ASP B 133 3.12 -17.67 -11.22
CA ASP B 133 2.86 -16.45 -10.47
C ASP B 133 4.21 -15.82 -10.19
N ALA B 134 4.18 -14.62 -9.64
CA ALA B 134 5.40 -13.91 -9.29
C ALA B 134 5.13 -12.97 -8.14
N ARG B 135 6.07 -12.87 -7.21
CA ARG B 135 5.92 -11.93 -6.11
C ARG B 135 7.23 -11.21 -5.84
N ALA B 136 7.12 -9.96 -5.38
CA ALA B 136 8.30 -9.17 -5.04
C ALA B 136 8.43 -9.03 -3.54
N VAL B 137 9.64 -9.22 -3.03
CA VAL B 137 9.92 -9.09 -1.60
C VAL B 137 11.13 -8.19 -1.34
N LEU B 138 11.02 -7.31 -0.36
CA LEU B 138 12.12 -6.41 -0.02
C LEU B 138 12.91 -6.88 1.20
N TYR B 139 14.24 -6.96 1.06
CA TYR B 139 15.12 -7.29 2.17
C TYR B 139 16.15 -6.20 2.43
N PRO B 140 16.09 -5.59 3.62
CA PRO B 140 16.91 -4.45 4.00
C PRO B 140 18.39 -4.77 4.25
N ASP B 141 18.68 -6.03 4.56
CA ASP B 141 20.05 -6.45 4.83
C ASP B 141 20.41 -7.72 4.06
N PHE B 142 21.66 -7.80 3.60
CA PHE B 142 22.13 -8.95 2.82
C PHE B 142 22.07 -10.27 3.57
N LYS B 143 22.15 -10.21 4.90
CA LYS B 143 22.04 -11.41 5.72
C LYS B 143 20.69 -12.10 5.48
N HIS B 144 19.67 -11.29 5.18
CA HIS B 144 18.33 -11.81 4.90
C HIS B 144 18.29 -12.45 3.52
N ILE B 145 19.14 -11.95 2.62
CA ILE B 145 19.25 -12.53 1.29
C ILE B 145 19.89 -13.92 1.40
N ARG B 146 20.99 -13.98 2.14
CA ARG B 146 21.70 -15.23 2.40
C ARG B 146 20.77 -16.25 3.04
N ASN B 147 20.04 -15.79 4.05
CA ASN B 147 19.10 -16.65 4.75
C ASN B 147 17.94 -17.09 3.85
N TYR B 148 17.57 -16.23 2.91
CA TYR B 148 16.52 -16.60 1.96
C TYR B 148 16.97 -17.72 1.05
N PHE B 149 18.09 -17.54 0.38
CA PHE B 149 18.57 -18.57 -0.55
C PHE B 149 18.88 -19.86 0.20
N SER B 150 19.34 -19.71 1.45
CA SER B 150 19.54 -20.86 2.32
C SER B 150 18.21 -21.59 2.54
N TRP B 151 17.17 -20.81 2.80
CA TRP B 151 15.82 -21.32 2.98
C TRP B 151 15.37 -22.13 1.75
N ARG B 152 15.57 -21.54 0.57
CA ARG B 152 15.15 -22.17 -0.68
C ARG B 152 15.90 -23.49 -0.92
N GLN B 153 17.20 -23.48 -0.64
CA GLN B 153 18.01 -24.68 -0.86
C GLN B 153 17.68 -25.79 0.13
N VAL B 154 17.41 -25.43 1.38
CA VAL B 154 16.99 -26.41 2.38
C VAL B 154 15.68 -27.06 1.94
N ASP B 155 14.78 -26.24 1.39
CA ASP B 155 13.53 -26.76 0.86
C ASP B 155 13.79 -27.73 -0.29
N CYS B 156 14.76 -27.40 -1.12
CA CYS B 156 15.14 -28.26 -2.24
C CYS B 156 15.65 -29.61 -1.75
N HIS B 157 16.47 -29.61 -0.70
CA HIS B 157 16.97 -30.86 -0.13
C HIS B 157 15.84 -31.72 0.42
N ILE B 158 15.01 -31.14 1.28
CA ILE B 158 13.90 -31.88 1.88
C ILE B 158 12.98 -32.49 0.82
N ASN B 159 12.52 -31.67 -0.12
CA ASN B 159 11.60 -32.14 -1.14
C ASN B 159 12.24 -33.17 -2.07
N ASN B 160 13.50 -32.98 -2.43
CA ASN B 160 14.19 -33.94 -3.29
C ASN B 160 14.37 -35.29 -2.61
N LEU B 161 14.76 -35.28 -1.34
CA LEU B 161 14.91 -36.51 -0.59
C LEU B 161 13.57 -37.25 -0.50
N TYR B 162 12.52 -36.52 -0.12
CA TYR B 162 11.21 -37.13 0.02
C TYR B 162 10.73 -37.75 -1.28
N ASN B 163 10.79 -36.96 -2.35
CA ASN B 163 10.32 -37.41 -3.66
C ASN B 163 11.13 -38.57 -4.22
N THR B 164 12.44 -38.55 -4.02
CA THR B 164 13.27 -39.64 -4.51
C THR B 164 12.93 -40.94 -3.78
N THR B 165 12.76 -40.86 -2.47
CA THR B 165 12.40 -42.07 -1.71
C THR B 165 11.02 -42.58 -2.12
N PHE B 166 10.05 -41.68 -2.17
CA PHE B 166 8.68 -41.98 -2.57
C PHE B 166 8.61 -42.67 -3.94
N TRP B 167 9.15 -42.02 -4.95
CA TRP B 167 9.12 -42.55 -6.32
C TRP B 167 9.95 -43.81 -6.49
N ASN B 168 11.04 -43.96 -5.75
CA ASN B 168 11.78 -45.21 -5.79
C ASN B 168 10.96 -46.34 -5.16
N LEU B 169 10.19 -46.02 -4.12
CA LEU B 169 9.26 -46.99 -3.53
C LEU B 169 8.15 -47.39 -4.49
N VAL B 170 7.65 -46.41 -5.26
CA VAL B 170 6.58 -46.68 -6.21
C VAL B 170 7.04 -47.45 -7.45
N LEU B 171 8.15 -47.03 -8.05
CA LEU B 171 8.63 -47.66 -9.28
C LEU B 171 9.36 -48.98 -9.02
N LYS B 172 10.33 -48.96 -8.10
CA LYS B 172 11.18 -50.13 -7.84
C LYS B 172 10.50 -51.21 -6.99
N LEU B 173 9.87 -50.80 -5.89
CA LEU B 173 9.14 -51.74 -5.04
C LEU B 173 7.72 -51.95 -5.55
N LYS B 174 7.36 -51.22 -6.60
CA LYS B 174 6.06 -51.33 -7.25
C LYS B 174 4.89 -51.08 -6.29
N MET B 175 5.15 -50.30 -5.25
CA MET B 175 4.12 -49.93 -4.28
C MET B 175 3.14 -48.96 -4.92
N THR B 176 1.93 -48.89 -4.38
CA THR B 176 0.98 -47.87 -4.79
C THR B 176 1.35 -46.59 -4.07
N PRO B 177 1.04 -45.43 -4.67
CA PRO B 177 1.35 -44.13 -4.05
C PRO B 177 0.85 -43.99 -2.62
N GLN B 178 -0.33 -44.52 -2.33
CA GLN B 178 -0.88 -44.45 -0.98
C GLN B 178 -0.07 -45.33 -0.03
N GLN B 179 0.39 -46.48 -0.51
CA GLN B 179 1.23 -47.36 0.30
C GLN B 179 2.58 -46.75 0.62
N ALA B 180 3.25 -46.22 -0.39
CA ALA B 180 4.54 -45.57 -0.22
C ALA B 180 4.40 -44.37 0.70
N GLU B 181 3.29 -43.66 0.55
CA GLU B 181 3.00 -42.50 1.39
C GLU B 181 2.85 -42.90 2.84
N GLN B 182 2.09 -43.97 3.11
CA GLN B 182 1.95 -44.45 4.48
C GLN B 182 3.28 -44.96 5.04
N ARG B 183 4.09 -45.54 4.17
CA ARG B 183 5.41 -46.06 4.55
C ARG B 183 6.34 -44.96 5.05
N LEU B 184 6.25 -43.78 4.46
CA LEU B 184 7.13 -42.67 4.81
C LEU B 184 6.64 -41.85 6.01
N MET B 185 5.45 -42.16 6.51
CA MET B 185 4.88 -41.44 7.64
C MET B 185 5.75 -41.56 8.89
N GLY B 186 6.11 -40.42 9.47
CA GLY B 186 6.93 -40.38 10.67
C GLY B 186 8.39 -40.72 10.46
N THR B 187 8.82 -40.77 9.20
CA THR B 187 10.20 -41.07 8.87
C THR B 187 11.06 -39.81 8.81
N VAL B 188 12.34 -39.95 9.20
CA VAL B 188 13.26 -38.83 9.16
C VAL B 188 14.34 -39.10 8.09
N ALA B 189 15.18 -38.10 7.86
CA ALA B 189 16.21 -38.16 6.81
C ALA B 189 17.03 -39.45 6.82
N SER B 190 17.48 -39.87 8.00
CA SER B 190 18.28 -41.08 8.14
C SER B 190 17.49 -42.31 7.70
N ASP B 191 16.22 -42.35 8.10
CA ASP B 191 15.35 -43.46 7.72
C ASP B 191 15.10 -43.47 6.21
N LYS B 192 14.92 -42.31 5.61
CA LYS B 192 14.71 -42.22 4.17
C LYS B 192 15.94 -42.70 3.40
N ASN B 193 17.12 -42.27 3.84
CA ASN B 193 18.37 -42.69 3.21
C ASN B 193 18.57 -44.20 3.35
N GLU B 194 18.27 -44.70 4.54
CA GLU B 194 18.39 -46.13 4.82
C GLU B 194 17.42 -46.95 3.97
N ILE B 195 16.19 -46.46 3.83
CA ILE B 195 15.19 -47.10 2.99
C ILE B 195 15.63 -47.13 1.54
N LEU B 196 16.14 -46.01 1.04
CA LEU B 196 16.62 -45.95 -0.33
C LEU B 196 17.75 -46.94 -0.58
N PHE B 197 18.76 -46.92 0.29
CA PHE B 197 19.94 -47.73 0.04
C PHE B 197 19.64 -49.22 0.24
N LYS B 198 19.08 -49.59 1.39
CA LYS B 198 18.83 -51.01 1.66
C LYS B 198 17.68 -51.58 0.82
N GLU B 199 16.55 -50.89 0.74
CA GLU B 199 15.41 -51.43 0.01
C GLU B 199 15.44 -51.15 -1.50
N CYS B 200 15.80 -49.93 -1.89
CA CYS B 200 15.77 -49.59 -3.31
C CYS B 200 17.11 -49.79 -4.00
N GLY B 201 18.16 -50.03 -3.22
CA GLY B 201 19.50 -50.19 -3.76
C GLY B 201 19.99 -48.90 -4.39
N VAL B 202 19.60 -47.78 -3.80
CA VAL B 202 19.97 -46.47 -4.31
C VAL B 202 20.73 -45.65 -3.27
N ASN B 203 21.90 -45.15 -3.64
CA ASN B 203 22.66 -44.27 -2.77
C ASN B 203 22.32 -42.82 -3.10
N TYR B 204 21.63 -42.15 -2.17
CA TYR B 204 21.19 -40.77 -2.37
C TYR B 204 22.37 -39.83 -2.61
N ASN B 205 23.48 -40.07 -1.92
CA ASN B 205 24.66 -39.23 -2.07
C ASN B 205 25.16 -39.18 -3.51
N ASN B 206 24.83 -40.22 -4.26
CA ASN B 206 25.23 -40.35 -5.66
C ASN B 206 24.22 -39.71 -6.62
N GLU B 207 23.13 -39.17 -6.10
CA GLU B 207 22.14 -38.49 -6.93
C GLU B 207 22.73 -37.23 -7.56
N SER B 208 22.17 -36.81 -8.69
CA SER B 208 22.64 -35.62 -9.39
C SER B 208 22.71 -34.42 -8.47
N GLU B 209 23.81 -33.67 -8.59
CA GLU B 209 24.01 -32.47 -7.79
C GLU B 209 22.92 -31.45 -8.05
N MET B 210 22.42 -31.41 -9.29
CA MET B 210 21.33 -30.53 -9.64
C MET B 210 20.05 -30.90 -8.90
N TYR B 211 19.79 -32.20 -8.79
CA TYR B 211 18.58 -32.67 -8.13
C TYR B 211 18.59 -32.37 -6.63
N LYS B 212 19.70 -32.64 -5.96
CA LYS B 212 19.75 -32.44 -4.51
C LYS B 212 20.02 -30.99 -4.11
N LYS B 213 20.91 -30.31 -4.84
CA LYS B 213 21.31 -28.94 -4.47
C LYS B 213 20.56 -27.82 -5.19
N GLY B 214 19.84 -28.14 -6.26
CA GLY B 214 19.17 -27.11 -7.04
C GLY B 214 20.10 -26.48 -8.05
N THR B 215 19.71 -25.32 -8.58
CA THR B 215 20.52 -24.62 -9.58
C THR B 215 20.76 -23.16 -9.22
N ILE B 216 22.03 -22.75 -9.27
CA ILE B 216 22.41 -21.35 -9.03
C ILE B 216 22.99 -20.72 -10.29
N ILE B 217 22.40 -19.62 -10.73
CA ILE B 217 22.96 -18.86 -11.85
C ILE B 217 23.45 -17.51 -11.33
N VAL B 218 24.76 -17.29 -11.39
CA VAL B 218 25.33 -16.07 -10.85
C VAL B 218 26.08 -15.29 -11.93
N ARG B 219 25.96 -13.96 -11.86
CA ARG B 219 26.69 -13.09 -12.76
C ARG B 219 28.14 -12.96 -12.28
N GLU B 220 29.06 -13.38 -13.15
CA GLU B 220 30.49 -13.36 -12.80
C GLU B 220 31.22 -12.26 -13.54
N GLU B 248 29.86 -12.30 -16.96
CA GLU B 248 29.60 -13.62 -17.53
C GLU B 248 28.64 -14.40 -16.62
N LEU B 249 27.76 -15.21 -17.22
CA LEU B 249 26.82 -16.04 -16.45
C LEU B 249 27.24 -17.48 -16.31
N LYS B 250 27.53 -17.87 -15.07
CA LYS B 250 27.98 -19.21 -14.77
C LYS B 250 26.95 -19.98 -13.95
N ILE B 251 26.77 -21.25 -14.27
CA ILE B 251 25.81 -22.10 -13.59
C ILE B 251 26.52 -23.05 -12.62
N TYR B 252 26.03 -23.11 -11.38
CA TYR B 252 26.57 -24.00 -10.36
C TYR B 252 25.47 -24.84 -9.73
N HIS B 253 25.82 -26.04 -9.29
CA HIS B 253 24.97 -26.74 -8.36
C HIS B 253 25.84 -27.05 -7.17
N VAL B 254 25.70 -26.25 -6.12
CA VAL B 254 26.59 -26.27 -4.96
C VAL B 254 25.86 -25.85 -3.70
N ASP B 255 26.44 -26.11 -2.54
CA ASP B 255 25.89 -25.62 -1.29
C ASP B 255 26.25 -24.15 -1.08
N ILE B 256 25.25 -23.29 -0.98
CA ILE B 256 25.48 -21.88 -0.66
C ILE B 256 25.13 -21.55 0.80
N ILE B 257 24.57 -22.51 1.51
CA ILE B 257 24.13 -22.28 2.88
C ILE B 257 25.28 -22.08 3.86
N ASN B 258 26.15 -23.08 3.97
CA ASN B 258 27.26 -23.04 4.91
C ASN B 258 28.57 -22.58 4.30
N ASP B 259 28.60 -22.44 2.98
CA ASP B 259 29.82 -21.98 2.35
C ASP B 259 29.77 -20.46 2.31
N ASP B 260 30.52 -19.86 3.23
CA ASP B 260 30.60 -18.41 3.34
C ASP B 260 31.52 -17.81 2.29
N SER B 261 32.60 -18.52 1.99
CA SER B 261 33.59 -18.05 1.03
C SER B 261 33.00 -17.88 -0.37
N TRP B 262 31.98 -18.68 -0.66
CA TRP B 262 31.28 -18.59 -1.94
C TRP B 262 30.66 -17.20 -2.09
N TRP B 263 30.12 -16.69 -0.99
CA TRP B 263 29.51 -15.36 -0.98
C TRP B 263 30.58 -14.27 -0.89
N LYS B 264 31.52 -14.44 0.04
CA LYS B 264 32.58 -13.48 0.26
C LYS B 264 33.39 -13.19 -1.00
N SER B 265 33.62 -14.23 -1.80
CA SER B 265 34.37 -14.08 -3.05
C SER B 265 33.55 -13.36 -4.11
N ARG B 266 32.27 -13.13 -3.81
CA ARG B 266 31.37 -12.44 -4.74
C ARG B 266 30.72 -11.22 -4.08
N PRO B 267 31.51 -10.16 -3.86
CA PRO B 267 31.00 -8.95 -3.20
C PRO B 267 30.01 -8.15 -4.04
N TRP B 268 30.06 -8.32 -5.36
CA TRP B 268 29.18 -7.57 -6.25
C TRP B 268 27.71 -7.95 -6.06
N LEU B 269 27.47 -9.09 -5.45
CA LEU B 269 26.11 -9.50 -5.11
C LEU B 269 25.57 -8.56 -4.04
N LYS B 270 26.45 -8.15 -3.14
CA LYS B 270 26.13 -7.24 -2.04
C LYS B 270 25.93 -5.80 -2.53
N ASP B 271 26.41 -5.48 -3.73
CA ASP B 271 26.38 -4.10 -4.21
C ASP B 271 25.43 -3.94 -5.40
N SER C 7 20.56 20.18 -3.47
CA SER C 7 21.11 19.70 -2.21
C SER C 7 21.39 18.20 -2.27
N LYS C 8 22.44 17.78 -1.58
CA LYS C 8 22.84 16.37 -1.58
C LYS C 8 22.09 15.52 -0.56
N TYR C 9 21.36 16.18 0.34
CA TYR C 9 20.58 15.47 1.36
C TYR C 9 19.08 15.37 1.09
N GLU C 10 18.59 16.04 0.05
CA GLU C 10 17.15 16.02 -0.21
C GLU C 10 16.61 14.68 -0.73
N TYR C 11 17.50 13.84 -1.24
CA TYR C 11 17.09 12.56 -1.84
C TYR C 11 16.27 11.67 -0.92
N VAL C 12 16.47 11.81 0.38
CA VAL C 12 15.75 10.98 1.35
C VAL C 12 14.23 11.16 1.23
N LYS C 13 13.80 12.31 0.71
CA LYS C 13 12.38 12.59 0.56
C LYS C 13 11.71 11.57 -0.37
N LEU C 14 12.51 10.94 -1.23
CA LEU C 14 12.00 9.96 -2.18
C LEU C 14 11.59 8.64 -1.51
N PHE C 15 11.94 8.46 -0.24
CA PHE C 15 11.58 7.22 0.44
C PHE C 15 10.16 7.28 1.02
N GLU C 16 9.57 8.47 1.03
CA GLU C 16 8.22 8.66 1.56
C GLU C 16 7.16 8.07 0.61
N LYS C 17 6.17 7.40 1.20
CA LYS C 17 5.08 6.84 0.41
C LYS C 17 3.71 7.35 0.86
N GLU C 18 3.03 8.06 -0.04
CA GLU C 18 1.69 8.58 0.23
C GLU C 18 0.61 7.59 -0.18
N ASN C 19 -0.49 7.56 0.58
CA ASN C 19 -1.62 6.72 0.22
C ASN C 19 -2.85 7.56 -0.07
N TYR C 20 -3.23 7.62 -1.34
CA TYR C 20 -4.44 8.34 -1.73
C TYR C 20 -5.60 7.38 -1.71
N LEU C 21 -6.56 7.65 -0.84
CA LEU C 21 -7.72 6.79 -0.65
C LEU C 21 -8.59 6.78 -1.91
N LEU C 22 -9.08 5.60 -2.28
CA LEU C 22 -9.91 5.43 -3.48
C LEU C 22 -11.03 6.46 -3.57
N PRO C 23 -11.07 7.19 -4.69
CA PRO C 23 -12.05 8.26 -4.93
C PRO C 23 -13.49 7.74 -4.96
N ASP C 24 -14.43 8.65 -4.73
CA ASP C 24 -15.87 8.35 -4.79
C ASP C 24 -16.23 7.19 -3.86
N THR C 25 -15.57 7.13 -2.71
CA THR C 25 -15.84 6.10 -1.72
C THR C 25 -16.11 6.76 -0.37
N TYR C 26 -17.08 6.22 0.39
CA TYR C 26 -17.37 6.77 1.72
C TYR C 26 -16.17 6.52 2.60
N ILE C 27 -15.79 7.53 3.38
CA ILE C 27 -14.64 7.32 4.27
C ILE C 27 -15.08 7.33 5.73
N ILE C 28 -14.77 6.29 6.47
CA ILE C 28 -15.06 6.34 7.90
C ILE C 28 -13.77 6.43 8.71
N ILE C 29 -13.68 7.47 9.54
CA ILE C 29 -12.55 7.61 10.44
C ILE C 29 -12.96 7.35 11.87
N ARG C 30 -12.40 6.32 12.48
CA ARG C 30 -12.71 6.01 13.86
C ARG C 30 -11.55 6.36 14.77
N VAL C 31 -11.83 7.19 15.77
CA VAL C 31 -10.84 7.56 16.77
C VAL C 31 -11.17 6.87 18.09
N ASP C 32 -10.13 6.40 18.78
CA ASP C 32 -10.36 5.71 20.05
C ASP C 32 -9.30 6.07 21.09
N GLY C 33 -9.75 6.48 22.26
CA GLY C 33 -8.89 6.85 23.36
C GLY C 33 -7.89 5.80 23.79
N LYS C 34 -6.63 6.20 23.92
CA LYS C 34 -5.56 5.29 24.32
C LYS C 34 -5.51 5.07 25.84
N GLY C 35 -5.67 3.82 26.25
CA GLY C 35 -5.60 3.45 27.65
C GLY C 35 -6.56 4.21 28.55
N PHE C 36 -7.80 4.38 28.10
CA PHE C 36 -8.80 5.15 28.84
C PHE C 36 -9.35 4.44 30.07
N HIS C 37 -9.02 3.18 30.24
CA HIS C 37 -9.33 2.46 31.49
C HIS C 37 -8.53 3.07 32.64
N LYS C 38 -7.21 3.12 32.46
CA LYS C 38 -6.30 3.68 33.44
C LYS C 38 -6.58 5.18 33.62
N PHE C 39 -6.93 5.83 32.51
CA PHE C 39 -7.31 7.24 32.51
C PHE C 39 -8.54 7.48 33.38
N SER C 40 -9.55 6.63 33.20
CA SER C 40 -10.77 6.72 33.99
C SER C 40 -10.51 6.41 35.46
N GLN C 41 -9.53 5.55 35.72
CA GLN C 41 -9.17 5.22 37.10
C GLN C 41 -8.46 6.38 37.81
N PHE C 42 -7.46 6.95 37.14
CA PHE C 42 -6.69 8.06 37.69
C PHE C 42 -7.53 9.29 38.04
N TYR C 43 -8.44 9.65 37.14
CA TYR C 43 -9.23 10.86 37.32
C TYR C 43 -10.57 10.60 38.02
N GLU C 44 -10.75 9.37 38.50
CA GLU C 44 -11.93 8.98 39.28
C GLU C 44 -13.27 9.23 38.57
N PHE C 45 -13.42 8.69 37.37
CA PHE C 45 -14.67 8.80 36.63
C PHE C 45 -15.84 8.18 37.40
N GLU C 46 -17.04 8.74 37.25
CA GLU C 46 -18.24 8.08 37.75
C GLU C 46 -18.47 6.86 36.87
N LYS C 47 -18.82 5.75 37.51
CA LYS C 47 -18.95 4.48 36.81
C LYS C 47 -20.33 3.86 37.04
N PRO C 48 -20.87 3.10 36.06
CA PRO C 48 -20.31 2.65 34.78
C PRO C 48 -20.09 3.75 33.74
N ASN C 49 -20.93 4.78 33.75
CA ASN C 49 -20.79 5.85 32.78
C ASN C 49 -20.64 7.20 33.46
N ASP C 50 -19.61 7.95 33.09
CA ASP C 50 -19.44 9.29 33.61
C ASP C 50 -20.01 10.25 32.57
N LEU C 51 -21.13 10.85 32.93
CA LEU C 51 -21.89 11.72 32.04
C LEU C 51 -21.07 12.91 31.52
N LYS C 52 -20.42 13.63 32.43
CA LYS C 52 -19.64 14.81 32.05
C LYS C 52 -18.49 14.48 31.09
N ALA C 53 -17.86 13.33 31.30
CA ALA C 53 -16.79 12.88 30.40
C ALA C 53 -17.32 12.64 28.98
N LEU C 54 -18.49 12.03 28.89
CA LEU C 54 -19.12 11.77 27.61
C LEU C 54 -19.53 13.10 26.99
N GLN C 55 -19.81 14.08 27.82
CA GLN C 55 -20.14 15.41 27.34
C GLN C 55 -18.89 16.09 26.80
N VAL C 56 -17.73 15.78 27.37
CA VAL C 56 -16.46 16.27 26.84
C VAL C 56 -16.21 15.65 25.46
N MET C 57 -16.37 14.34 25.37
CA MET C 57 -16.22 13.63 24.10
C MET C 57 -17.13 14.19 23.02
N ASN C 58 -18.41 14.32 23.37
CA ASN C 58 -19.42 14.82 22.44
C ASN C 58 -19.12 16.25 22.04
N SER C 59 -18.61 17.05 22.98
CA SER C 59 -18.25 18.43 22.69
C SER C 59 -17.12 18.48 21.66
N ALA C 60 -16.11 17.65 21.87
CA ALA C 60 -15.00 17.55 20.94
C ALA C 60 -15.47 17.16 19.54
N ALA C 61 -16.30 16.11 19.49
CA ALA C 61 -16.83 15.60 18.22
C ALA C 61 -17.66 16.65 17.49
N GLU C 62 -18.51 17.34 18.23
CA GLU C 62 -19.36 18.37 17.64
C GLU C 62 -18.55 19.55 17.12
N LYS C 63 -17.55 19.96 17.88
CA LYS C 63 -16.69 21.06 17.43
C LYS C 63 -15.93 20.67 16.16
N LEU C 64 -15.37 19.46 16.16
CA LEU C 64 -14.63 18.97 15.02
C LEU C 64 -15.53 18.92 13.79
N MET C 65 -16.71 18.32 13.97
CA MET C 65 -17.68 18.19 12.90
C MET C 65 -18.12 19.56 12.37
N SER C 66 -18.18 20.53 13.28
CA SER C 66 -18.52 21.91 12.92
C SER C 66 -17.41 22.54 12.11
N LYS C 67 -16.17 22.12 12.38
CA LYS C 67 -15.03 22.69 11.67
C LYS C 67 -14.91 22.13 10.25
N TYR C 68 -15.29 20.88 10.07
CA TYR C 68 -15.17 20.24 8.77
C TYR C 68 -16.52 19.85 8.17
N SER C 69 -16.92 20.60 7.15
CA SER C 69 -18.20 20.42 6.47
C SER C 69 -18.34 19.06 5.82
N ASP C 70 -17.22 18.41 5.51
CA ASP C 70 -17.25 17.13 4.84
C ASP C 70 -17.76 16.01 5.75
N VAL C 71 -17.76 16.25 7.06
CA VAL C 71 -18.25 15.23 7.98
C VAL C 71 -19.77 15.26 7.99
N MET C 72 -20.37 14.17 7.51
CA MET C 72 -21.81 14.06 7.39
C MET C 72 -22.48 13.56 8.67
N LEU C 73 -21.81 12.64 9.35
CA LEU C 73 -22.39 11.96 10.49
C LEU C 73 -21.33 11.56 11.51
N ALA C 74 -21.68 11.60 12.79
CA ALA C 74 -20.76 11.16 13.83
C ALA C 74 -21.49 10.26 14.83
N TYR C 75 -20.86 9.16 15.21
CA TYR C 75 -21.40 8.31 16.26
C TYR C 75 -20.34 7.95 17.29
N GLY C 76 -20.62 8.17 18.57
CA GLY C 76 -19.62 7.80 19.57
C GLY C 76 -20.19 7.28 20.86
N ASP C 77 -19.37 6.50 21.56
CA ASP C 77 -19.75 5.93 22.84
C ASP C 77 -18.48 5.56 23.58
N SER C 78 -18.55 5.48 24.90
CA SER C 78 -17.38 5.18 25.71
C SER C 78 -16.24 6.14 25.34
N ASP C 79 -15.09 5.59 24.97
CA ASP C 79 -13.94 6.38 24.57
C ASP C 79 -13.77 6.52 23.04
N GLU C 80 -14.74 6.05 22.27
CA GLU C 80 -14.60 6.04 20.80
C GLU C 80 -15.59 6.93 20.06
N TYR C 81 -15.16 7.40 18.88
CA TYR C 81 -16.02 8.17 17.98
C TYR C 81 -15.73 7.90 16.50
N SER C 82 -16.78 7.71 15.72
CA SER C 82 -16.66 7.44 14.29
C SER C 82 -17.25 8.58 13.46
N PHE C 83 -16.54 8.98 12.41
CA PHE C 83 -16.97 10.07 11.54
C PHE C 83 -17.09 9.62 10.09
N LEU C 84 -18.25 9.88 9.49
CA LEU C 84 -18.50 9.55 8.09
C LEU C 84 -18.25 10.75 7.17
N LEU C 85 -17.32 10.56 6.25
CA LEU C 85 -17.01 11.55 5.23
C LEU C 85 -17.63 11.15 3.90
N ARG C 86 -18.23 12.13 3.24
CA ARG C 86 -18.87 11.97 1.94
C ARG C 86 -17.92 11.41 0.89
N LYS C 87 -18.47 10.60 -0.01
CA LYS C 87 -17.68 9.87 -1.02
C LYS C 87 -16.70 10.76 -1.77
N ASN C 88 -17.11 11.99 -2.02
CA ASN C 88 -16.37 12.91 -2.86
C ASN C 88 -15.49 13.90 -2.11
N CYS C 89 -15.35 13.70 -0.80
CA CYS C 89 -14.52 14.58 0.02
C CYS C 89 -13.11 14.67 -0.51
N GLN C 90 -12.66 15.90 -0.76
CA GLN C 90 -11.32 16.13 -1.29
C GLN C 90 -10.32 16.60 -0.25
N LEU C 91 -10.72 16.60 1.02
CA LEU C 91 -9.87 17.12 2.10
C LEU C 91 -8.48 16.49 2.11
N TYR C 92 -7.47 17.35 2.04
CA TYR C 92 -6.07 16.94 1.98
C TYR C 92 -5.83 15.96 0.83
N GLU C 93 -6.60 16.13 -0.24
CA GLU C 93 -6.55 15.26 -1.42
C GLU C 93 -6.73 13.78 -1.05
N ARG C 94 -7.53 13.53 -0.02
CA ARG C 94 -7.82 12.17 0.44
C ARG C 94 -6.57 11.41 0.85
N ARG C 95 -5.58 12.12 1.37
CA ARG C 95 -4.37 11.47 1.88
C ARG C 95 -4.66 10.85 3.24
N GLU C 96 -4.46 9.54 3.34
CA GLU C 96 -4.77 8.78 4.55
C GLU C 96 -4.06 9.32 5.80
N MET C 97 -2.75 9.57 5.66
CA MET C 97 -1.93 10.04 6.76
C MET C 97 -2.37 11.40 7.32
N LYS C 98 -2.61 12.35 6.43
CA LYS C 98 -3.03 13.70 6.84
C LYS C 98 -4.34 13.60 7.60
N LEU C 99 -5.29 12.88 7.03
CA LEU C 99 -6.60 12.75 7.62
C LEU C 99 -6.54 12.11 9.01
N THR C 100 -5.82 10.99 9.13
CA THR C 100 -5.79 10.26 10.39
C THR C 100 -5.03 10.98 11.50
N THR C 101 -3.83 11.48 11.16
CA THR C 101 -3.03 12.16 12.18
C THR C 101 -3.69 13.47 12.60
N LEU C 102 -4.33 14.12 11.63
CA LEU C 102 -5.03 15.36 11.92
C LEU C 102 -6.24 15.11 12.82
N PHE C 103 -6.99 14.06 12.52
CA PHE C 103 -8.14 13.71 13.35
C PHE C 103 -7.72 13.35 14.77
N SER C 104 -6.63 12.61 14.92
CA SER C 104 -6.17 12.23 16.25
C SER C 104 -5.70 13.47 17.02
N SER C 105 -5.00 14.36 16.33
CA SER C 105 -4.52 15.59 16.95
C SER C 105 -5.66 16.48 17.41
N LEU C 106 -6.64 16.65 16.52
CA LEU C 106 -7.80 17.49 16.81
C LEU C 106 -8.60 16.95 17.97
N MET C 107 -8.89 15.65 17.94
CA MET C 107 -9.66 15.05 19.03
C MET C 107 -8.92 15.18 20.35
N SER C 108 -7.60 14.97 20.33
CA SER C 108 -6.82 15.08 21.56
C SER C 108 -6.89 16.49 22.12
N THR C 109 -6.62 17.48 21.28
CA THR C 109 -6.59 18.86 21.74
C THR C 109 -7.95 19.38 22.19
N TYR C 110 -8.99 19.08 21.41
CA TYR C 110 -10.34 19.48 21.79
C TYR C 110 -10.74 18.82 23.10
N TYR C 111 -10.38 17.55 23.26
CA TYR C 111 -10.68 16.85 24.49
C TYR C 111 -10.01 17.55 25.66
N MET C 112 -8.74 17.91 25.50
CA MET C 112 -8.03 18.63 26.55
C MET C 112 -8.71 19.96 26.92
N TYR C 113 -9.11 20.72 25.89
CA TYR C 113 -9.74 22.02 26.13
C TYR C 113 -11.06 21.87 26.89
N PHE C 114 -11.96 21.07 26.34
CA PHE C 114 -13.26 20.86 26.98
C PHE C 114 -13.13 20.18 28.34
N TRP C 115 -12.04 19.44 28.55
CA TRP C 115 -11.75 18.91 29.88
C TRP C 115 -11.45 20.04 30.84
N SER C 116 -10.63 21.00 30.38
CA SER C 116 -10.33 22.16 31.19
C SER C 116 -11.60 22.95 31.49
N GLN C 117 -12.58 22.85 30.60
CA GLN C 117 -13.86 23.55 30.82
C GLN C 117 -14.82 22.82 31.76
N TYR C 118 -14.97 21.51 31.59
CA TYR C 118 -15.91 20.74 32.43
C TYR C 118 -15.35 20.32 33.78
N PHE C 119 -14.04 20.09 33.85
CA PHE C 119 -13.41 19.64 35.08
C PHE C 119 -12.29 20.57 35.54
N PRO C 120 -12.64 21.77 36.01
CA PRO C 120 -11.63 22.68 36.56
C PRO C 120 -11.04 22.14 37.86
N ASP C 121 -11.80 21.26 38.52
CA ASP C 121 -11.38 20.66 39.77
C ASP C 121 -10.29 19.61 39.57
N LYS C 122 -10.24 19.06 38.36
CA LYS C 122 -9.28 18.00 38.05
C LYS C 122 -8.31 18.39 36.92
N PRO C 123 -7.29 19.21 37.26
CA PRO C 123 -6.31 19.60 36.24
C PRO C 123 -5.56 18.38 35.71
N LEU C 124 -5.30 18.35 34.40
CA LEU C 124 -4.68 17.19 33.78
C LEU C 124 -3.22 17.04 34.21
N HIS C 125 -2.81 15.81 34.45
CA HIS C 125 -1.43 15.50 34.81
C HIS C 125 -0.65 15.11 33.56
N ILE C 126 0.59 15.55 33.47
CA ILE C 126 1.42 15.29 32.30
C ILE C 126 1.52 13.79 31.94
N ASP C 127 1.44 12.92 32.93
CA ASP C 127 1.58 11.50 32.67
C ASP C 127 0.25 10.86 32.32
N HIS C 128 -0.82 11.62 32.49
CA HIS C 128 -2.11 11.17 31.98
C HIS C 128 -2.71 12.31 31.17
N LEU C 129 -2.58 12.20 29.85
CA LEU C 129 -3.21 13.13 28.93
C LEU C 129 -4.11 12.37 28.01
N PRO C 130 -5.23 12.97 27.59
CA PRO C 130 -6.04 12.17 26.67
C PRO C 130 -5.34 12.00 25.33
N ASN C 131 -5.16 10.75 24.91
CA ASN C 131 -4.65 10.46 23.58
C ASN C 131 -5.62 9.61 22.81
N PHE C 132 -5.61 9.76 21.49
CA PHE C 132 -6.52 9.00 20.65
C PHE C 132 -5.74 8.41 19.48
N ASP C 133 -6.11 7.20 19.08
CA ASP C 133 -5.65 6.71 17.80
C ASP C 133 -6.74 7.06 16.80
N ALA C 134 -6.46 6.83 15.53
CA ALA C 134 -7.43 7.08 14.48
C ALA C 134 -7.14 6.15 13.32
N ARG C 135 -8.19 5.61 12.71
CA ARG C 135 -8.01 4.77 11.54
C ARG C 135 -9.04 5.07 10.46
N ALA C 136 -8.64 4.92 9.20
CA ALA C 136 -9.51 5.16 8.05
C ALA C 136 -9.93 3.87 7.37
N VAL C 137 -11.22 3.77 7.05
CA VAL C 137 -11.77 2.61 6.35
C VAL C 137 -12.64 3.04 5.16
N LEU C 138 -12.48 2.35 4.02
CA LEU C 138 -13.24 2.65 2.80
C LEU C 138 -14.45 1.74 2.60
N TYR C 139 -15.61 2.33 2.39
CA TYR C 139 -16.82 1.56 2.09
C TYR C 139 -17.46 1.95 0.76
N PRO C 140 -17.50 1.00 -0.18
CA PRO C 140 -17.98 1.23 -1.56
C PRO C 140 -19.50 1.40 -1.67
N ASP C 141 -20.26 0.87 -0.72
CA ASP C 141 -21.72 0.98 -0.76
C ASP C 141 -22.28 1.47 0.57
N PHE C 142 -23.34 2.27 0.50
CA PHE C 142 -23.95 2.86 1.70
C PHE C 142 -24.53 1.82 2.65
N LYS C 143 -24.93 0.66 2.12
CA LYS C 143 -25.44 -0.42 2.95
C LYS C 143 -24.39 -0.83 3.98
N HIS C 144 -23.13 -0.72 3.58
CA HIS C 144 -22.01 -1.05 4.45
C HIS C 144 -21.82 0.03 5.51
N ILE C 145 -22.21 1.25 5.18
CA ILE C 145 -22.17 2.36 6.13
C ILE C 145 -23.21 2.11 7.21
N ARG C 146 -24.41 1.78 6.76
CA ARG C 146 -25.53 1.46 7.64
C ARG C 146 -25.15 0.31 8.58
N ASN C 147 -24.58 -0.73 7.99
CA ASN C 147 -24.15 -1.88 8.77
C ASN C 147 -23.01 -1.56 9.72
N TYR C 148 -22.17 -0.60 9.33
CA TYR C 148 -21.08 -0.17 10.21
C TYR C 148 -21.61 0.52 11.47
N PHE C 149 -22.44 1.54 11.28
CA PHE C 149 -22.97 2.26 12.42
C PHE C 149 -23.86 1.35 13.26
N SER C 150 -24.52 0.41 12.59
CA SER C 150 -25.28 -0.62 13.29
C SER C 150 -24.35 -1.43 14.20
N TRP C 151 -23.22 -1.83 13.63
CA TRP C 151 -22.18 -2.58 14.35
C TRP C 151 -21.75 -1.80 15.58
N ARG C 152 -21.48 -0.51 15.41
CA ARG C 152 -21.02 0.32 16.52
C ARG C 152 -22.08 0.46 17.62
N GLN C 153 -23.34 0.62 17.22
CA GLN C 153 -24.40 0.77 18.20
C GLN C 153 -24.63 -0.52 18.97
N VAL C 154 -24.54 -1.65 18.28
CA VAL C 154 -24.64 -2.95 18.93
C VAL C 154 -23.50 -3.13 19.93
N ASP C 155 -22.30 -2.70 19.55
CA ASP C 155 -21.15 -2.76 20.44
C ASP C 155 -21.36 -1.90 21.69
N CYS C 156 -21.93 -0.71 21.49
CA CYS C 156 -22.25 0.18 22.60
C CYS C 156 -23.24 -0.49 23.53
N HIS C 157 -24.21 -1.17 22.93
CA HIS C 157 -25.24 -1.90 23.66
C HIS C 157 -24.63 -2.97 24.58
N ILE C 158 -23.83 -3.84 23.96
CA ILE C 158 -23.16 -4.93 24.67
C ILE C 158 -22.26 -4.40 25.79
N ASN C 159 -21.39 -3.45 25.45
CA ASN C 159 -20.43 -2.94 26.42
C ASN C 159 -21.08 -2.19 27.57
N ASN C 160 -22.10 -1.40 27.27
CA ASN C 160 -22.82 -0.69 28.32
C ASN C 160 -23.57 -1.64 29.23
N LEU C 161 -24.21 -2.66 28.66
CA LEU C 161 -24.91 -3.64 29.49
C LEU C 161 -23.92 -4.36 30.41
N TYR C 162 -22.80 -4.80 29.83
CA TYR C 162 -21.77 -5.51 30.58
C TYR C 162 -21.27 -4.65 31.72
N ASN C 163 -20.91 -3.41 31.40
CA ASN C 163 -20.37 -2.51 32.40
C ASN C 163 -21.37 -2.18 33.50
N THR C 164 -22.64 -1.97 33.13
CA THR C 164 -23.65 -1.64 34.13
C THR C 164 -23.85 -2.79 35.11
N THR C 165 -23.94 -4.01 34.58
CA THR C 165 -24.09 -5.19 35.45
C THR C 165 -22.86 -5.38 36.33
N PHE C 166 -21.68 -5.29 35.70
CA PHE C 166 -20.40 -5.42 36.40
C PHE C 166 -20.28 -4.45 37.57
N TRP C 167 -20.43 -3.17 37.29
CA TRP C 167 -20.28 -2.12 38.30
C TRP C 167 -21.40 -2.16 39.35
N ASN C 168 -22.60 -2.58 38.97
CA ASN C 168 -23.67 -2.75 39.95
C ASN C 168 -23.34 -3.89 40.89
N LEU C 169 -22.71 -4.93 40.37
CA LEU C 169 -22.22 -6.01 41.21
C LEU C 169 -21.09 -5.51 42.12
N VAL C 170 -20.21 -4.67 41.58
CA VAL C 170 -19.11 -4.13 42.38
C VAL C 170 -19.53 -3.00 43.33
N LEU C 171 -20.25 -2.00 42.82
CA LEU C 171 -20.66 -0.84 43.64
C LEU C 171 -21.91 -1.05 44.50
N LYS C 172 -22.99 -1.53 43.90
CA LYS C 172 -24.26 -1.67 44.63
C LYS C 172 -24.12 -2.87 45.55
N LEU C 173 -23.61 -3.98 45.02
CA LEU C 173 -23.25 -5.10 45.86
C LEU C 173 -21.83 -4.76 46.27
N LYS C 174 -21.21 -5.54 47.15
CA LYS C 174 -19.84 -5.23 47.57
C LYS C 174 -18.75 -6.05 46.87
N MET C 175 -19.07 -6.65 45.73
CA MET C 175 -18.15 -7.58 45.07
C MET C 175 -16.83 -6.97 44.57
N THR C 176 -15.82 -7.84 44.46
CA THR C 176 -14.51 -7.50 43.89
C THR C 176 -14.57 -7.57 42.36
N PRO C 177 -13.77 -6.73 41.67
CA PRO C 177 -13.72 -6.74 40.19
C PRO C 177 -13.51 -8.13 39.61
N GLN C 178 -12.67 -8.93 40.25
CA GLN C 178 -12.43 -10.31 39.83
C GLN C 178 -13.66 -11.18 40.04
N GLN C 179 -14.31 -10.97 41.17
CA GLN C 179 -15.48 -11.72 41.59
C GLN C 179 -16.63 -11.45 40.63
N ALA C 180 -16.86 -10.17 40.37
CA ALA C 180 -17.88 -9.74 39.42
C ALA C 180 -17.56 -10.24 38.03
N GLU C 181 -16.28 -10.23 37.67
CA GLU C 181 -15.84 -10.70 36.36
C GLU C 181 -16.18 -12.18 36.16
N GLN C 182 -15.85 -12.99 37.16
CA GLN C 182 -16.13 -14.42 37.13
C GLN C 182 -17.63 -14.71 37.17
N ARG C 183 -18.38 -13.87 37.88
CA ARG C 183 -19.83 -14.01 37.99
C ARG C 183 -20.54 -13.89 36.64
N LEU C 184 -20.04 -13.01 35.78
CA LEU C 184 -20.66 -12.76 34.47
C LEU C 184 -20.18 -13.70 33.37
N MET C 185 -19.22 -14.57 33.68
CA MET C 185 -18.68 -15.50 32.69
C MET C 185 -19.72 -16.47 32.12
N GLY C 186 -19.81 -16.50 30.79
CA GLY C 186 -20.72 -17.38 30.08
C GLY C 186 -22.17 -16.94 30.20
N THR C 187 -22.36 -15.74 30.73
CA THR C 187 -23.68 -15.16 30.90
C THR C 187 -24.05 -14.36 29.63
N VAL C 188 -25.33 -14.34 29.29
CA VAL C 188 -25.79 -13.59 28.13
C VAL C 188 -26.64 -12.41 28.60
N ALA C 189 -27.04 -11.56 27.65
CA ALA C 189 -27.76 -10.32 27.95
C ALA C 189 -28.92 -10.47 28.93
N SER C 190 -29.73 -11.50 28.71
CA SER C 190 -30.89 -11.76 29.56
C SER C 190 -30.46 -12.04 31.01
N ASP C 191 -29.39 -12.79 31.15
CA ASP C 191 -28.84 -13.11 32.47
C ASP C 191 -28.33 -11.85 33.16
N LYS C 192 -27.70 -10.96 32.39
CA LYS C 192 -27.20 -9.70 32.93
C LYS C 192 -28.34 -8.81 33.44
N ASN C 193 -29.42 -8.74 32.66
CA ASN C 193 -30.58 -7.95 33.06
C ASN C 193 -31.25 -8.53 34.30
N GLU C 194 -31.35 -9.86 34.35
CA GLU C 194 -31.94 -10.53 35.50
C GLU C 194 -31.10 -10.31 36.75
N ILE C 195 -29.78 -10.35 36.58
CA ILE C 195 -28.87 -10.06 37.68
C ILE C 195 -29.10 -8.63 38.16
N LEU C 196 -29.23 -7.71 37.20
CA LEU C 196 -29.44 -6.32 37.56
C LEU C 196 -30.72 -6.13 38.39
N PHE C 197 -31.86 -6.65 37.91
CA PHE C 197 -33.09 -6.46 38.67
C PHE C 197 -33.17 -7.26 39.97
N LYS C 198 -32.98 -8.57 39.87
CA LYS C 198 -33.14 -9.41 41.04
C LYS C 198 -32.07 -9.14 42.08
N GLU C 199 -30.82 -9.14 41.63
CA GLU C 199 -29.73 -8.97 42.58
C GLU C 199 -29.41 -7.50 42.89
N CYS C 200 -29.38 -6.65 41.87
CA CYS C 200 -29.02 -5.25 42.10
C CYS C 200 -30.22 -4.32 42.27
N GLY C 201 -31.43 -4.80 41.97
CA GLY C 201 -32.60 -3.96 42.07
C GLY C 201 -32.55 -2.85 41.04
N VAL C 202 -32.00 -3.15 39.88
CA VAL C 202 -31.83 -2.15 38.83
C VAL C 202 -32.54 -2.53 37.53
N ASN C 203 -33.36 -1.61 37.03
CA ASN C 203 -33.99 -1.76 35.74
C ASN C 203 -33.13 -1.11 34.67
N TYR C 204 -32.51 -1.93 33.83
CA TYR C 204 -31.61 -1.44 32.80
C TYR C 204 -32.35 -0.52 31.81
N ASN C 205 -33.60 -0.85 31.51
CA ASN C 205 -34.40 -0.05 30.58
C ASN C 205 -34.57 1.42 30.99
N ASN C 206 -34.44 1.69 32.28
CA ASN C 206 -34.59 3.04 32.81
C ASN C 206 -33.29 3.84 32.81
N GLU C 207 -32.21 3.21 32.38
CA GLU C 207 -30.92 3.88 32.25
C GLU C 207 -30.98 4.94 31.17
N SER C 208 -30.09 5.93 31.27
CA SER C 208 -30.02 7.04 30.31
C SER C 208 -29.95 6.58 28.85
N GLU C 209 -30.72 7.24 27.99
CA GLU C 209 -30.74 6.94 26.55
C GLU C 209 -29.37 7.13 25.90
N MET C 210 -28.60 8.09 26.40
CA MET C 210 -27.24 8.31 25.91
C MET C 210 -26.33 7.13 26.23
N TYR C 211 -26.47 6.57 27.42
CA TYR C 211 -25.60 5.47 27.84
C TYR C 211 -25.83 4.22 27.01
N LYS C 212 -27.09 3.85 26.82
CA LYS C 212 -27.43 2.64 26.10
C LYS C 212 -27.44 2.78 24.57
N LYS C 213 -27.92 3.91 24.05
CA LYS C 213 -28.02 4.08 22.60
C LYS C 213 -26.84 4.82 21.97
N GLY C 214 -26.00 5.44 22.79
CA GLY C 214 -24.87 6.21 22.29
C GLY C 214 -25.24 7.63 21.91
N THR C 215 -24.38 8.29 21.15
CA THR C 215 -24.61 9.66 20.70
C THR C 215 -24.44 9.81 19.19
N ILE C 216 -25.45 10.38 18.54
CA ILE C 216 -25.39 10.62 17.11
C ILE C 216 -25.40 12.12 16.82
N ILE C 217 -24.40 12.59 16.08
CA ILE C 217 -24.36 13.98 15.63
C ILE C 217 -24.57 14.04 14.12
N VAL C 218 -25.64 14.70 13.70
CA VAL C 218 -25.99 14.74 12.29
C VAL C 218 -26.02 16.17 11.76
N ARG C 219 -25.51 16.35 10.54
CA ARG C 219 -25.61 17.63 9.87
C ARG C 219 -27.01 17.71 9.29
N GLU C 220 -27.80 18.69 9.75
CA GLU C 220 -29.17 18.83 9.29
C GLU C 220 -29.35 20.07 8.41
N GLU C 248 -27.31 22.76 10.30
CA GLU C 248 -27.48 22.47 11.72
C GLU C 248 -26.86 21.14 12.15
N LEU C 249 -26.29 21.13 13.35
CA LEU C 249 -25.75 19.90 13.91
C LEU C 249 -26.70 19.43 15.01
N LYS C 250 -27.39 18.32 14.79
CA LYS C 250 -28.34 17.84 15.78
C LYS C 250 -27.86 16.58 16.47
N ILE C 251 -28.07 16.54 17.78
CA ILE C 251 -27.65 15.41 18.60
C ILE C 251 -28.86 14.53 18.97
N TYR C 252 -28.74 13.24 18.73
CA TYR C 252 -29.78 12.28 19.08
C TYR C 252 -29.22 11.13 19.89
N HIS C 253 -30.05 10.55 20.74
CA HIS C 253 -29.75 9.23 21.27
C HIS C 253 -30.93 8.36 20.92
N VAL C 254 -30.77 7.57 19.85
CA VAL C 254 -31.86 6.80 19.26
C VAL C 254 -31.32 5.54 18.62
N ASP C 255 -32.21 4.59 18.32
CA ASP C 255 -31.80 3.42 17.57
C ASP C 255 -31.71 3.74 16.08
N ILE C 256 -30.53 3.57 15.50
CA ILE C 256 -30.35 3.75 14.06
C ILE C 256 -30.27 2.42 13.31
N ILE C 257 -30.27 1.31 14.05
CA ILE C 257 -30.11 -0.01 13.44
C ILE C 257 -31.31 -0.45 12.61
N ASN C 258 -32.48 -0.52 13.24
CA ASN C 258 -33.69 -1.01 12.59
C ASN C 258 -34.60 0.07 12.03
N ASP C 259 -34.30 1.33 12.32
CA ASP C 259 -35.14 2.40 11.81
C ASP C 259 -34.63 2.82 10.44
N ASP C 260 -35.36 2.40 9.43
CA ASP C 260 -35.04 2.73 8.04
C ASP C 260 -35.43 4.15 7.69
N SER C 261 -36.56 4.61 8.23
CA SER C 261 -37.08 5.94 7.94
C SER C 261 -36.14 7.04 8.42
N TRP C 262 -35.37 6.76 9.46
CA TRP C 262 -34.39 7.72 9.97
C TRP C 262 -33.34 8.00 8.89
N TRP C 263 -32.91 6.96 8.19
CA TRP C 263 -31.93 7.09 7.11
C TRP C 263 -32.55 7.62 5.82
N LYS C 264 -33.70 7.05 5.45
CA LYS C 264 -34.41 7.44 4.23
C LYS C 264 -34.71 8.93 4.20
N SER C 265 -35.06 9.48 5.36
CA SER C 265 -35.39 10.90 5.47
C SER C 265 -34.14 11.77 5.38
N ARG C 266 -32.97 11.13 5.38
CA ARG C 266 -31.70 11.83 5.26
C ARG C 266 -30.87 11.32 4.09
N PRO C 267 -31.29 11.65 2.85
CA PRO C 267 -30.62 11.20 1.63
C PRO C 267 -29.25 11.84 1.41
N TRP C 268 -29.03 13.01 1.99
CA TRP C 268 -27.76 13.72 1.81
C TRP C 268 -26.57 12.99 2.43
N LEU C 269 -26.85 12.06 3.33
CA LEU C 269 -25.82 11.23 3.93
C LEU C 269 -25.22 10.32 2.86
N LYS C 270 -26.08 9.86 1.97
CA LYS C 270 -25.71 9.00 0.85
C LYS C 270 -24.94 9.73 -0.24
N ASP C 271 -25.04 11.06 -0.25
CA ASP C 271 -24.49 11.86 -1.35
C ASP C 271 -23.33 12.72 -0.85
N SER D 7 -22.12 -11.83 15.20
CA SER D 7 -22.83 -10.63 14.77
C SER D 7 -22.96 -10.57 13.26
N LYS D 8 -24.08 -10.04 12.77
CA LYS D 8 -24.28 -9.92 11.33
C LYS D 8 -23.67 -8.63 10.79
N TYR D 9 -23.32 -7.72 11.70
CA TYR D 9 -22.72 -6.44 11.30
C TYR D 9 -21.19 -6.35 11.44
N GLU D 10 -20.57 -7.33 12.09
CA GLU D 10 -19.12 -7.28 12.34
C GLU D 10 -18.28 -7.45 11.06
N TYR D 11 -18.91 -7.95 10.00
CA TYR D 11 -18.21 -8.23 8.74
C TYR D 11 -17.47 -7.01 8.18
N VAL D 12 -17.96 -5.82 8.51
CA VAL D 12 -17.35 -4.58 8.04
C VAL D 12 -15.88 -4.49 8.44
N LYS D 13 -15.51 -5.18 9.52
CA LYS D 13 -14.12 -5.18 10.01
C LYS D 13 -13.16 -5.70 8.94
N LEU D 14 -13.70 -6.47 8.00
CA LEU D 14 -12.90 -7.04 6.91
C LEU D 14 -12.47 -6.01 5.87
N PHE D 15 -13.03 -4.80 5.93
CA PHE D 15 -12.67 -3.77 4.97
C PHE D 15 -11.42 -2.99 5.39
N GLU D 16 -10.98 -3.18 6.63
CA GLU D 16 -9.82 -2.48 7.14
C GLU D 16 -8.53 -3.00 6.51
N LYS D 17 -7.64 -2.08 6.18
CA LYS D 17 -6.33 -2.47 5.69
C LYS D 17 -5.25 -1.86 6.56
N GLU D 18 -4.52 -2.73 7.24
CA GLU D 18 -3.43 -2.31 8.11
C GLU D 18 -2.11 -2.35 7.35
N ASN D 19 -1.21 -1.44 7.70
CA ASN D 19 0.11 -1.45 7.10
C ASN D 19 1.20 -1.74 8.12
N TYR D 20 1.77 -2.94 8.03
CA TYR D 20 2.86 -3.33 8.91
C TYR D 20 4.19 -2.98 8.25
N LEU D 21 4.93 -2.07 8.88
CA LEU D 21 6.20 -1.59 8.33
C LEU D 21 7.26 -2.69 8.26
N LEU D 22 8.00 -2.70 7.15
CA LEU D 22 9.06 -3.67 6.91
C LEU D 22 10.01 -3.85 8.09
N PRO D 23 10.21 -5.11 8.51
CA PRO D 23 11.06 -5.45 9.66
C PRO D 23 12.52 -5.07 9.47
N ASP D 24 13.24 -4.91 10.57
CA ASP D 24 14.66 -4.61 10.57
C ASP D 24 14.99 -3.36 9.76
N THR D 25 14.11 -2.36 9.81
CA THR D 25 14.34 -1.11 9.11
C THR D 25 14.19 0.09 10.05
N TYR D 26 15.04 1.10 9.87
CA TYR D 26 14.94 2.32 10.66
C TYR D 26 13.64 3.03 10.32
N ILE D 27 12.93 3.49 11.35
CA ILE D 27 11.71 4.24 11.13
C ILE D 27 11.89 5.67 11.59
N ILE D 28 11.64 6.62 10.69
CA ILE D 28 11.64 8.01 11.10
C ILE D 28 10.23 8.54 11.10
N ILE D 29 9.78 9.06 12.25
CA ILE D 29 8.49 9.70 12.31
C ILE D 29 8.66 11.19 12.43
N ARG D 30 8.16 11.92 11.43
CA ARG D 30 8.27 13.37 11.45
C ARG D 30 6.91 13.98 11.75
N VAL D 31 6.88 14.79 12.81
CA VAL D 31 5.68 15.52 13.17
C VAL D 31 5.86 17.00 12.85
N ASP D 32 4.80 17.62 12.34
CA ASP D 32 4.88 19.03 11.97
C ASP D 32 3.61 19.80 12.28
N GLY D 33 3.76 20.94 12.96
CA GLY D 33 2.65 21.79 13.33
C GLY D 33 1.77 22.28 12.18
N LYS D 34 0.47 22.11 12.32
CA LYS D 34 -0.45 22.52 11.28
C LYS D 34 -0.77 24.00 11.34
N GLY D 35 -0.47 24.71 10.25
CA GLY D 35 -0.75 26.13 10.13
C GLY D 35 -0.15 26.97 11.24
N PHE D 36 1.10 26.70 11.57
CA PHE D 36 1.79 27.39 12.66
C PHE D 36 2.24 28.82 12.35
N HIS D 37 2.11 29.24 11.09
CA HIS D 37 2.31 30.66 10.75
C HIS D 37 1.22 31.51 11.39
N LYS D 38 -0.02 31.13 11.12
CA LYS D 38 -1.19 31.80 11.68
C LYS D 38 -1.20 31.66 13.19
N PHE D 39 -0.76 30.49 13.67
CA PHE D 39 -0.64 30.24 15.10
C PHE D 39 0.35 31.22 15.73
N SER D 40 1.50 31.40 15.07
CA SER D 40 2.51 32.32 15.57
C SER D 40 2.02 33.78 15.54
N GLN D 41 1.18 34.11 14.56
CA GLN D 41 0.62 35.46 14.53
C GLN D 41 -0.42 35.68 15.63
N PHE D 42 -1.34 34.73 15.76
CA PHE D 42 -2.43 34.83 16.75
C PHE D 42 -1.93 34.99 18.18
N TYR D 43 -0.94 34.21 18.56
CA TYR D 43 -0.43 34.25 19.92
C TYR D 43 0.73 35.22 20.05
N GLU D 44 0.97 35.98 18.98
CA GLU D 44 2.00 37.03 18.95
C GLU D 44 3.39 36.54 19.32
N PHE D 45 3.85 35.52 18.61
CA PHE D 45 5.19 34.96 18.80
C PHE D 45 6.27 36.01 18.54
N GLU D 46 7.38 35.89 19.25
CA GLU D 46 8.55 36.69 18.97
C GLU D 46 9.16 36.26 17.65
N LYS D 47 9.63 37.21 16.85
CA LYS D 47 10.17 36.90 15.53
C LYS D 47 11.59 37.44 15.44
N PRO D 48 12.47 36.76 14.68
CA PRO D 48 12.24 35.56 13.86
C PRO D 48 11.97 34.29 14.64
N ASN D 49 12.55 34.19 15.83
CA ASN D 49 12.41 32.98 16.65
C ASN D 49 11.89 33.27 18.06
N ASP D 50 10.87 32.51 18.47
CA ASP D 50 10.33 32.62 19.82
C ASP D 50 10.95 31.57 20.72
N LEU D 51 11.75 32.03 21.68
CA LEU D 51 12.49 31.15 22.59
C LEU D 51 11.58 30.21 23.37
N LYS D 52 10.59 30.78 24.04
CA LYS D 52 9.69 30.03 24.90
C LYS D 52 8.88 28.99 24.12
N ALA D 53 8.48 29.34 22.90
CA ALA D 53 7.76 28.40 22.05
C ALA D 53 8.65 27.21 21.73
N LEU D 54 9.91 27.49 21.45
CA LEU D 54 10.87 26.45 21.12
C LEU D 54 11.14 25.58 22.33
N GLN D 55 11.02 26.18 23.51
CA GLN D 55 11.18 25.45 24.76
C GLN D 55 9.98 24.56 25.03
N VAL D 56 8.81 25.01 24.58
CA VAL D 56 7.61 24.19 24.66
C VAL D 56 7.76 22.97 23.75
N MET D 57 8.18 23.21 22.51
CA MET D 57 8.41 22.13 21.56
C MET D 57 9.40 21.12 22.11
N ASN D 58 10.54 21.63 22.58
CA ASN D 58 11.58 20.77 23.13
C ASN D 58 11.10 19.99 24.34
N SER D 59 10.28 20.64 25.17
CA SER D 59 9.74 19.99 26.34
C SER D 59 8.82 18.82 25.96
N ALA D 60 7.93 19.08 25.01
CA ALA D 60 7.03 18.04 24.51
C ALA D 60 7.81 16.86 23.94
N ALA D 61 8.79 17.16 23.09
CA ALA D 61 9.61 16.14 22.45
C ALA D 61 10.39 15.32 23.47
N GLU D 62 10.98 15.99 24.47
CA GLU D 62 11.75 15.32 25.52
C GLU D 62 10.86 14.42 26.36
N LYS D 63 9.66 14.88 26.68
CA LYS D 63 8.71 14.06 27.43
C LYS D 63 8.30 12.81 26.65
N LEU D 64 7.97 13.01 25.38
CA LEU D 64 7.56 11.90 24.52
C LEU D 64 8.69 10.87 24.41
N MET D 65 9.88 11.35 24.12
CA MET D 65 11.06 10.50 23.98
C MET D 65 11.36 9.76 25.29
N SER D 66 11.09 10.43 26.40
CA SER D 66 11.27 9.83 27.72
C SER D 66 10.26 8.73 27.95
N LYS D 67 9.08 8.88 27.37
CA LYS D 67 8.02 7.89 27.56
C LYS D 67 8.25 6.63 26.75
N TYR D 68 8.89 6.76 25.59
CA TYR D 68 9.13 5.62 24.71
C TYR D 68 10.62 5.36 24.47
N SER D 69 11.11 4.27 25.05
CA SER D 69 12.53 3.89 24.98
C SER D 69 13.05 3.57 23.57
N ASP D 70 12.16 3.23 22.65
CA ASP D 70 12.57 2.85 21.29
C ASP D 70 13.09 4.03 20.47
N VAL D 71 12.79 5.26 20.88
CA VAL D 71 13.30 6.42 20.17
C VAL D 71 14.74 6.67 20.57
N MET D 72 15.65 6.50 19.62
CA MET D 72 17.07 6.64 19.89
C MET D 72 17.55 8.10 19.80
N LEU D 73 16.97 8.85 18.86
CA LEU D 73 17.44 10.20 18.56
C LEU D 73 16.28 11.07 18.09
N ALA D 74 16.33 12.35 18.45
CA ALA D 74 15.33 13.31 17.99
C ALA D 74 15.98 14.61 17.53
N TYR D 75 15.52 15.13 16.39
CA TYR D 75 15.97 16.43 15.93
C TYR D 75 14.81 17.31 15.52
N GLY D 76 14.73 18.52 16.04
CA GLY D 76 13.63 19.40 15.68
C GLY D 76 14.02 20.86 15.62
N ASP D 77 13.24 21.61 14.84
CA ASP D 77 13.45 23.05 14.67
C ASP D 77 12.16 23.66 14.20
N SER D 78 11.98 24.95 14.44
CA SER D 78 10.74 25.64 14.07
C SER D 78 9.53 24.92 14.64
N ASP D 79 8.60 24.55 13.77
CA ASP D 79 7.40 23.82 14.15
C ASP D 79 7.48 22.31 13.92
N GLU D 80 8.65 21.81 13.55
CA GLU D 80 8.79 20.38 13.22
C GLU D 80 9.72 19.63 14.18
N TYR D 81 9.45 18.34 14.32
CA TYR D 81 10.32 17.45 15.09
C TYR D 81 10.37 16.07 14.48
N SER D 82 11.57 15.52 14.38
CA SER D 82 11.79 14.21 13.80
C SER D 82 12.28 13.22 14.87
N PHE D 83 11.72 12.02 14.85
CA PHE D 83 12.07 10.98 15.81
C PHE D 83 12.56 9.72 15.12
N LEU D 84 13.76 9.28 15.51
CA LEU D 84 14.35 8.06 14.99
C LEU D 84 14.09 6.87 15.91
N LEU D 85 13.45 5.85 15.36
CA LEU D 85 13.20 4.61 16.08
C LEU D 85 14.21 3.56 15.65
N ARG D 86 14.76 2.84 16.63
CA ARG D 86 15.72 1.77 16.35
C ARG D 86 15.15 0.75 15.37
N LYS D 87 16.02 0.20 14.53
CA LYS D 87 15.64 -0.73 13.46
C LYS D 87 14.74 -1.81 14.00
N ASN D 88 14.97 -2.14 15.26
CA ASN D 88 14.35 -3.27 15.88
C ASN D 88 13.08 -2.95 16.65
N CYS D 89 12.65 -1.69 16.58
CA CYS D 89 11.43 -1.28 17.27
C CYS D 89 10.22 -2.05 16.76
N GLN D 90 9.53 -2.72 17.69
CA GLN D 90 8.32 -3.48 17.41
C GLN D 90 7.02 -2.84 17.89
N LEU D 91 7.10 -1.60 18.35
CA LEU D 91 5.96 -0.91 18.96
C LEU D 91 4.69 -0.95 18.09
N TYR D 92 3.60 -1.41 18.70
CA TYR D 92 2.30 -1.56 18.02
C TYR D 92 2.39 -2.41 16.75
N GLU D 93 3.28 -3.40 16.77
CA GLU D 93 3.49 -4.30 15.65
C GLU D 93 3.88 -3.54 14.38
N ARG D 94 4.57 -2.43 14.57
CA ARG D 94 5.01 -1.60 13.44
C ARG D 94 3.85 -1.16 12.56
N ARG D 95 2.68 -0.98 13.15
CA ARG D 95 1.52 -0.50 12.39
C ARG D 95 1.66 1.01 12.19
N GLU D 96 1.70 1.43 10.92
CA GLU D 96 1.93 2.83 10.57
C GLU D 96 0.89 3.78 11.16
N MET D 97 -0.38 3.40 11.04
CA MET D 97 -1.49 4.23 11.50
C MET D 97 -1.40 4.49 12.99
N LYS D 98 -1.14 3.43 13.75
CA LYS D 98 -1.03 3.51 15.20
C LYS D 98 0.11 4.44 15.58
N LEU D 99 1.27 4.24 14.97
CA LEU D 99 2.46 5.00 15.29
C LEU D 99 2.25 6.49 15.00
N THR D 100 1.74 6.80 13.81
CA THR D 100 1.60 8.18 13.38
C THR D 100 0.52 8.92 14.16
N THR D 101 -0.64 8.28 14.32
CA THR D 101 -1.73 8.94 15.04
C THR D 101 -1.38 9.12 16.51
N LEU D 102 -0.64 8.15 17.05
CA LEU D 102 -0.22 8.24 18.44
C LEU D 102 0.77 9.39 18.62
N PHE D 103 1.74 9.50 17.71
CA PHE D 103 2.69 10.59 17.79
C PHE D 103 2.03 11.96 17.64
N SER D 104 1.08 12.07 16.72
CA SER D 104 0.42 13.34 16.52
C SER D 104 -0.39 13.71 17.77
N SER D 105 -1.06 12.72 18.35
CA SER D 105 -1.85 12.95 19.55
C SER D 105 -0.97 13.36 20.74
N LEU D 106 0.12 12.63 20.92
CA LEU D 106 1.05 12.89 22.01
C LEU D 106 1.70 14.25 21.91
N MET D 107 2.18 14.60 20.72
CA MET D 107 2.77 15.92 20.51
C MET D 107 1.75 17.02 20.75
N SER D 108 0.52 16.80 20.29
CA SER D 108 -0.53 17.80 20.48
C SER D 108 -0.79 18.06 21.97
N THR D 109 -1.01 16.99 22.71
CA THR D 109 -1.34 17.11 24.12
C THR D 109 -0.17 17.64 24.96
N TYR D 110 1.03 17.12 24.70
CA TYR D 110 2.21 17.59 25.41
C TYR D 110 2.44 19.06 25.15
N TYR D 111 2.24 19.47 23.90
CA TYR D 111 2.39 20.87 23.56
C TYR D 111 1.38 21.71 24.33
N MET D 112 0.13 21.26 24.37
CA MET D 112 -0.89 21.99 25.12
C MET D 112 -0.52 22.16 26.59
N TYR D 113 -0.03 21.07 27.21
CA TYR D 113 0.34 21.11 28.61
C TYR D 113 1.49 22.09 28.86
N PHE D 114 2.59 21.90 28.16
CA PHE D 114 3.76 22.76 28.34
C PHE D 114 3.46 24.20 27.95
N TRP D 115 2.50 24.40 27.05
CA TRP D 115 2.05 25.75 26.74
C TRP D 115 1.36 26.34 27.95
N SER D 116 0.52 25.53 28.60
CA SER D 116 -0.15 25.99 29.82
C SER D 116 0.86 26.33 30.91
N GLN D 117 2.02 25.67 30.89
CA GLN D 117 3.08 25.96 31.86
C GLN D 117 3.96 27.17 31.55
N TYR D 118 4.38 27.32 30.29
CA TYR D 118 5.27 28.41 29.90
C TYR D 118 4.53 29.72 29.65
N PHE D 119 3.29 29.62 29.18
CA PHE D 119 2.49 30.80 28.86
C PHE D 119 1.18 30.84 29.65
N PRO D 120 1.27 31.09 30.97
CA PRO D 120 0.02 31.23 31.74
C PRO D 120 -0.73 32.49 31.33
N ASP D 121 0.00 33.44 30.76
CA ASP D 121 -0.56 34.71 30.32
C ASP D 121 -1.37 34.61 29.02
N LYS D 122 -1.09 33.57 28.22
CA LYS D 122 -1.80 33.38 26.95
C LYS D 122 -2.55 32.05 26.91
N PRO D 123 -3.72 31.99 27.56
CA PRO D 123 -4.55 30.78 27.53
C PRO D 123 -4.99 30.44 26.13
N LEU D 124 -5.00 29.15 25.79
CA LEU D 124 -5.32 28.75 24.43
C LEU D 124 -6.77 28.98 24.08
N HIS D 125 -7.02 29.42 22.86
CA HIS D 125 -8.35 29.65 22.35
C HIS D 125 -8.83 28.42 21.59
N ILE D 126 -10.10 28.05 21.74
CA ILE D 126 -10.65 26.85 21.10
C ILE D 126 -10.43 26.80 19.59
N ASP D 127 -10.40 27.96 18.94
CA ASP D 127 -10.25 28.01 17.50
C ASP D 127 -8.79 28.05 17.10
N HIS D 128 -7.91 28.22 18.09
CA HIS D 128 -6.50 28.03 17.83
C HIS D 128 -5.89 27.10 18.87
N LEU D 129 -5.74 25.85 18.49
CA LEU D 129 -5.06 24.85 19.28
C LEU D 129 -3.90 24.32 18.48
N PRO D 130 -2.79 23.99 19.13
CA PRO D 130 -1.71 23.43 18.32
C PRO D 130 -2.11 22.06 17.79
N ASN D 131 -2.01 21.89 16.48
CA ASN D 131 -2.21 20.59 15.88
C ASN D 131 -0.96 20.18 15.11
N PHE D 132 -0.73 18.87 15.04
CA PHE D 132 0.43 18.34 14.36
C PHE D 132 0.02 17.21 13.42
N ASP D 133 0.66 17.15 12.26
CA ASP D 133 0.55 15.93 11.47
C ASP D 133 1.76 15.07 11.82
N ALA D 134 1.77 13.85 11.31
CA ALA D 134 2.88 12.94 11.53
C ALA D 134 2.97 11.96 10.38
N ARG D 135 4.19 11.65 9.98
CA ARG D 135 4.36 10.66 8.93
C ARG D 135 5.51 9.70 9.25
N ALA D 136 5.37 8.47 8.77
CA ALA D 136 6.40 7.47 8.96
C ALA D 136 7.14 7.24 7.65
N VAL D 137 8.46 7.24 7.72
CA VAL D 137 9.29 7.01 6.54
C VAL D 137 10.31 5.92 6.88
N LEU D 138 10.50 4.98 5.96
CA LEU D 138 11.41 3.86 6.18
C LEU D 138 12.77 4.05 5.50
N TYR D 139 13.84 3.89 6.28
CA TYR D 139 15.20 3.93 5.72
C TYR D 139 15.99 2.65 6.01
N PRO D 140 16.38 1.93 4.93
CA PRO D 140 17.03 0.61 5.03
C PRO D 140 18.48 0.63 5.51
N ASP D 141 19.18 1.75 5.34
CA ASP D 141 20.57 1.85 5.78
C ASP D 141 20.81 3.14 6.57
N PHE D 142 21.71 3.07 7.54
CA PHE D 142 21.99 4.19 8.42
C PHE D 142 22.54 5.42 7.69
N LYS D 143 23.14 5.21 6.52
CA LYS D 143 23.63 6.32 5.72
C LYS D 143 22.50 7.28 5.38
N HIS D 144 21.31 6.69 5.19
CA HIS D 144 20.11 7.45 4.86
C HIS D 144 19.60 8.23 6.07
N ILE D 145 19.86 7.68 7.26
CA ILE D 145 19.48 8.36 8.49
C ILE D 145 20.34 9.60 8.67
N ARG D 146 21.65 9.41 8.52
CA ARG D 146 22.59 10.52 8.61
C ARG D 146 22.25 11.59 7.61
N ASN D 147 22.00 11.18 6.37
CA ASN D 147 21.66 12.13 5.32
C ASN D 147 20.32 12.82 5.56
N TYR D 148 19.41 12.12 6.22
CA TYR D 148 18.11 12.70 6.57
C TYR D 148 18.26 13.82 7.58
N PHE D 149 18.91 13.51 8.70
CA PHE D 149 19.09 14.51 9.75
C PHE D 149 19.94 15.66 9.22
N SER D 150 20.88 15.34 8.34
CA SER D 150 21.66 16.37 7.67
C SER D 150 20.71 17.28 6.90
N TRP D 151 19.80 16.67 6.16
CA TRP D 151 18.78 17.40 5.42
C TRP D 151 17.98 18.33 6.33
N ARG D 152 17.50 17.82 7.46
CA ARG D 152 16.70 18.63 8.35
C ARG D 152 17.48 19.82 8.88
N GLN D 153 18.75 19.60 9.22
CA GLN D 153 19.56 20.70 9.74
C GLN D 153 19.86 21.74 8.68
N VAL D 154 20.10 21.30 7.45
CA VAL D 154 20.30 22.23 6.34
C VAL D 154 19.03 23.08 6.15
N ASP D 155 17.89 22.43 6.25
CA ASP D 155 16.61 23.11 6.13
C ASP D 155 16.44 24.14 7.25
N CYS D 156 16.86 23.77 8.44
CA CYS D 156 16.81 24.68 9.58
C CYS D 156 17.69 25.90 9.34
N HIS D 157 18.89 25.66 8.82
CA HIS D 157 19.83 26.74 8.52
C HIS D 157 19.23 27.72 7.52
N ILE D 158 18.77 27.19 6.39
CA ILE D 158 18.16 28.03 5.35
C ILE D 158 16.96 28.83 5.85
N ASN D 159 16.04 28.14 6.51
CA ASN D 159 14.82 28.79 6.98
C ASN D 159 15.08 29.83 8.05
N ASN D 160 16.00 29.51 8.96
CA ASN D 160 16.36 30.46 10.01
C ASN D 160 17.07 31.68 9.46
N LEU D 161 17.98 31.46 8.52
CA LEU D 161 18.67 32.58 7.89
C LEU D 161 17.66 33.49 7.18
N TYR D 162 16.77 32.87 6.41
CA TYR D 162 15.77 33.62 5.68
C TYR D 162 14.92 34.43 6.66
N ASN D 163 14.41 33.77 7.69
CA ASN D 163 13.53 34.43 8.65
C ASN D 163 14.20 35.57 9.43
N THR D 164 15.46 35.36 9.81
CA THR D 164 16.20 36.40 10.53
C THR D 164 16.40 37.62 9.64
N THR D 165 16.77 37.38 8.38
CA THR D 165 16.96 38.48 7.44
C THR D 165 15.64 39.21 7.19
N PHE D 166 14.59 38.44 6.93
CA PHE D 166 13.26 38.98 6.70
C PHE D 166 12.79 39.88 7.83
N TRP D 167 12.74 39.32 9.04
CA TRP D 167 12.26 40.04 10.19
C TRP D 167 13.16 41.20 10.59
N ASN D 168 14.46 41.08 10.35
CA ASN D 168 15.32 42.24 10.58
C ASN D 168 14.97 43.33 9.57
N LEU D 169 14.61 42.95 8.34
CA LEU D 169 14.15 43.95 7.38
C LEU D 169 12.82 44.61 7.76
N VAL D 170 11.85 43.85 8.26
CA VAL D 170 10.57 44.48 8.64
C VAL D 170 10.67 45.29 9.94
N LEU D 171 11.29 44.73 10.96
CA LEU D 171 11.34 45.41 12.25
C LEU D 171 12.38 46.52 12.30
N LYS D 172 13.60 46.18 11.92
CA LYS D 172 14.73 47.09 12.06
C LYS D 172 14.76 48.19 10.99
N LEU D 173 14.58 47.81 9.73
CA LEU D 173 14.53 48.78 8.64
C LEU D 173 13.11 49.31 8.41
N LYS D 174 12.20 48.86 9.26
CA LYS D 174 10.81 49.30 9.29
C LYS D 174 10.00 48.96 8.03
N MET D 175 10.44 47.93 7.31
CA MET D 175 9.76 47.46 6.09
C MET D 175 8.46 46.69 6.34
N THR D 176 7.60 46.65 5.33
CA THR D 176 6.43 45.78 5.35
C THR D 176 6.85 44.38 4.89
N PRO D 177 6.15 43.33 5.35
CA PRO D 177 6.45 41.96 4.95
C PRO D 177 6.59 41.74 3.44
N GLN D 178 5.76 42.39 2.65
CA GLN D 178 5.83 42.28 1.19
C GLN D 178 7.11 42.92 0.66
N GLN D 179 7.54 44.01 1.28
CA GLN D 179 8.76 44.70 0.87
C GLN D 179 9.97 43.81 1.09
N ALA D 180 10.04 43.22 2.28
CA ALA D 180 11.12 42.31 2.61
C ALA D 180 11.09 41.10 1.69
N GLU D 181 9.87 40.66 1.37
CA GLU D 181 9.68 39.53 0.47
C GLU D 181 10.30 39.81 -0.89
N GLN D 182 9.99 40.99 -1.42
CA GLN D 182 10.53 41.42 -2.70
C GLN D 182 12.04 41.64 -2.65
N ARG D 183 12.51 42.15 -1.51
CA ARG D 183 13.93 42.43 -1.30
C ARG D 183 14.77 41.16 -1.30
N LEU D 184 14.22 40.10 -0.72
CA LEU D 184 14.93 38.83 -0.61
C LEU D 184 14.73 37.98 -1.85
N MET D 185 13.89 38.46 -2.76
CA MET D 185 13.59 37.72 -3.99
C MET D 185 14.89 37.56 -4.78
N GLY D 186 15.25 36.32 -5.10
CA GLY D 186 16.45 36.04 -5.87
C GLY D 186 17.76 36.21 -5.14
N THR D 187 17.69 36.35 -3.81
CA THR D 187 18.88 36.54 -2.98
C THR D 187 19.50 35.21 -2.52
N VAL D 188 20.82 35.18 -2.39
CA VAL D 188 21.56 34.00 -1.96
C VAL D 188 22.20 34.26 -0.59
N ALA D 189 22.65 33.21 0.09
CA ALA D 189 23.19 33.28 1.45
C ALA D 189 24.19 34.43 1.68
N SER D 190 25.11 34.63 0.74
CA SER D 190 26.10 35.68 0.87
C SER D 190 25.40 37.04 0.94
N ASP D 191 24.38 37.19 0.11
CA ASP D 191 23.59 38.42 0.09
C ASP D 191 22.84 38.60 1.40
N LYS D 192 22.30 37.52 1.94
CA LYS D 192 21.58 37.60 3.22
C LYS D 192 22.49 38.01 4.38
N ASN D 193 23.68 37.41 4.43
CA ASN D 193 24.64 37.75 5.48
C ASN D 193 25.09 39.19 5.36
N GLU D 194 25.37 39.61 4.14
CA GLU D 194 25.79 40.99 3.89
C GLU D 194 24.67 41.99 4.18
N ILE D 195 23.44 41.65 3.83
CA ILE D 195 22.30 42.50 4.15
C ILE D 195 22.14 42.65 5.66
N LEU D 196 22.19 41.53 6.37
CA LEU D 196 22.07 41.55 7.82
C LEU D 196 23.16 42.41 8.44
N PHE D 197 24.40 42.15 8.02
CA PHE D 197 25.57 42.83 8.56
C PHE D 197 25.65 44.32 8.22
N LYS D 198 25.62 44.63 6.93
CA LYS D 198 25.77 46.00 6.50
C LYS D 198 24.52 46.84 6.79
N GLU D 199 23.36 46.34 6.41
CA GLU D 199 22.14 47.13 6.57
C GLU D 199 21.49 47.01 7.96
N CYS D 200 21.43 45.80 8.53
CA CYS D 200 20.78 45.66 9.84
C CYS D 200 21.79 45.71 10.98
N GLY D 201 23.07 45.66 10.63
CA GLY D 201 24.13 45.66 11.63
C GLY D 201 24.10 44.39 12.46
N VAL D 202 23.74 43.27 11.83
CA VAL D 202 23.65 42.01 12.55
C VAL D 202 24.56 40.94 11.98
N ASN D 203 25.33 40.33 12.88
CA ASN D 203 26.18 39.20 12.58
C ASN D 203 25.42 37.91 12.86
N TYR D 204 25.08 37.16 11.82
CA TYR D 204 24.30 35.94 11.97
C TYR D 204 24.96 34.90 12.87
N ASN D 205 26.26 34.76 12.75
CA ASN D 205 27.00 33.79 13.55
C ASN D 205 26.80 33.98 15.05
N ASN D 206 26.46 35.20 15.46
CA ASN D 206 26.26 35.49 16.88
C ASN D 206 24.84 35.19 17.33
N GLU D 207 23.99 34.80 16.39
CA GLU D 207 22.63 34.39 16.74
C GLU D 207 22.72 33.10 17.54
N SER D 208 21.70 32.82 18.35
CA SER D 208 21.69 31.63 19.20
C SER D 208 22.01 30.34 18.44
N GLU D 209 22.83 29.50 19.04
CA GLU D 209 23.21 28.21 18.46
C GLU D 209 21.98 27.32 18.24
N MET D 210 21.01 27.45 19.13
CA MET D 210 19.75 26.73 19.02
C MET D 210 18.97 27.15 17.78
N TYR D 211 18.97 28.45 17.50
CA TYR D 211 18.23 28.99 16.37
C TYR D 211 18.80 28.53 15.02
N LYS D 212 20.12 28.63 14.87
CA LYS D 212 20.74 28.29 13.59
C LYS D 212 21.00 26.79 13.42
N LYS D 213 21.34 26.08 14.49
CA LYS D 213 21.63 24.65 14.36
C LYS D 213 20.44 23.73 14.67
N GLY D 214 19.38 24.27 15.24
CA GLY D 214 18.24 23.44 15.63
C GLY D 214 18.41 22.82 17.00
N THR D 215 17.63 21.79 17.31
CA THR D 215 17.71 21.13 18.61
C THR D 215 17.87 19.62 18.51
N ILE D 216 18.87 19.08 19.22
CA ILE D 216 19.09 17.64 19.23
C ILE D 216 18.86 17.03 20.61
N ILE D 217 17.97 16.06 20.70
CA ILE D 217 17.81 15.28 21.92
C ILE D 217 18.20 13.83 21.68
N VAL D 218 19.26 13.38 22.35
CA VAL D 218 19.78 12.03 22.12
C VAL D 218 19.78 11.20 23.40
N ARG D 219 19.47 9.91 23.27
CA ARG D 219 19.55 8.98 24.39
C ARG D 219 20.99 8.57 24.65
N GLU D 220 21.49 8.89 25.84
CA GLU D 220 22.86 8.57 26.23
C GLU D 220 22.91 7.46 27.27
N GLU D 248 20.02 8.67 30.47
CA GLU D 248 19.86 10.12 30.53
C GLU D 248 19.59 10.68 29.14
N LEU D 249 18.74 11.71 29.07
CA LEU D 249 18.40 12.36 27.81
C LEU D 249 19.12 13.69 27.71
N LYS D 250 20.03 13.81 26.75
CA LYS D 250 20.84 15.03 26.63
C LYS D 250 20.51 15.91 25.43
N ILE D 251 20.53 17.22 25.68
CA ILE D 251 20.24 18.21 24.67
C ILE D 251 21.49 18.89 24.12
N TYR D 252 21.61 18.94 22.80
CA TYR D 252 22.72 19.63 22.14
C TYR D 252 22.21 20.57 21.07
N HIS D 253 22.94 21.66 20.83
CA HIS D 253 22.74 22.41 19.62
C HIS D 253 24.10 22.44 18.96
N VAL D 254 24.28 21.58 17.96
CA VAL D 254 25.58 21.35 17.33
C VAL D 254 25.41 20.92 15.89
N ASP D 255 26.51 20.99 15.13
CA ASP D 255 26.50 20.48 13.77
C ASP D 255 26.66 18.96 13.77
N ILE D 256 25.68 18.25 13.23
CA ILE D 256 25.77 16.79 13.09
C ILE D 256 26.09 16.38 11.66
N ILE D 257 26.11 17.37 10.76
CA ILE D 257 26.32 17.09 9.34
C ILE D 257 27.73 16.58 9.04
N ASN D 258 28.72 17.40 9.37
CA ASN D 258 30.11 17.07 9.06
C ASN D 258 30.87 16.42 10.20
N ASP D 259 30.26 16.38 11.38
CA ASP D 259 30.94 15.76 12.49
C ASP D 259 30.58 14.28 12.47
N ASP D 260 31.51 13.48 11.96
CA ASP D 260 31.34 12.04 11.88
C ASP D 260 31.57 11.42 13.24
N SER D 261 32.52 11.98 13.98
CA SER D 261 32.88 11.48 15.30
C SER D 261 31.71 11.56 16.27
N TRP D 262 30.81 12.51 16.02
CA TRP D 262 29.60 12.65 16.81
C TRP D 262 28.75 11.39 16.69
N TRP D 263 28.67 10.86 15.48
CA TRP D 263 27.91 9.65 15.19
C TRP D 263 28.66 8.39 15.61
N LYS D 264 29.94 8.33 15.24
CA LYS D 264 30.81 7.19 15.52
C LYS D 264 30.83 6.87 17.01
N SER D 265 30.85 7.91 17.82
CA SER D 265 30.89 7.75 19.27
C SER D 265 29.56 7.27 19.84
N ARG D 266 28.55 7.22 18.99
CA ARG D 266 27.22 6.75 19.40
C ARG D 266 26.72 5.61 18.52
N PRO D 267 27.32 4.41 18.69
CA PRO D 267 27.00 3.22 17.90
C PRO D 267 25.63 2.63 18.20
N TRP D 268 25.10 2.88 19.40
CA TRP D 268 23.80 2.33 19.78
C TRP D 268 22.66 2.90 18.94
N LEU D 269 22.92 4.01 18.27
CA LEU D 269 21.95 4.60 17.36
C LEU D 269 21.72 3.70 16.16
N LYS D 270 22.79 3.06 15.70
CA LYS D 270 22.74 2.13 14.58
C LYS D 270 22.09 0.80 14.97
N ASP D 271 22.00 0.54 16.27
CA ASP D 271 21.54 -0.76 16.74
C ASP D 271 20.16 -0.63 17.39
#